data_4BMN
#
_entry.id   4BMN
#
_cell.length_a   136.480
_cell.length_b   52.510
_cell.length_c   151.470
_cell.angle_alpha   90.00
_cell.angle_beta   116.57
_cell.angle_gamma   90.00
#
_symmetry.space_group_name_H-M   'C 1 2 1'
#
loop_
_entity.id
_entity.type
_entity.pdbx_description
1 polymer 'ALCLOHOL DEHYDROGENASE/SHORT-CHAIN DEHYDROGENASE'
2 non-polymer 1,2-ETHANEDIOL
3 non-polymer TRIS(HYDROXYETHYL)AMINOMETHANE
4 water water
#
_entity_poly.entity_id   1
_entity_poly.type   'polypeptide(L)'
_entity_poly.pdbx_seq_one_letter_code
;QGPAMYRLLNKTAVITGGNSGIGLATAKRFVAEGAYVFIVGRRRKELEQAAAEIGRNVTAVKADVTKLEDLDRLYAIVRE
QRGSIDVLFANSGAIEQKTLEEITPEHYDRTFDVNVRGLIFTVQKALPLLRDGGSVILTSSVAGVLGLQAHDTYSAAKAA
VRSLARTWTTELKGRSIRVNAVSPGAIDTPIIENQVSTQEEADELRAKFAAATPLGRVGRPEELAAAVLFLASDDSSYVA
GIELFVDGGLTQV
;
_entity_poly.pdbx_strand_id   A,B,C,D
#
loop_
_chem_comp.id
_chem_comp.type
_chem_comp.name
_chem_comp.formula
EDO non-polymer 1,2-ETHANEDIOL 'C2 H6 O2'
TAM non-polymer TRIS(HYDROXYETHYL)AMINOMETHANE 'C7 H17 N O3'
#
# COMPACT_ATOMS: atom_id res chain seq x y z
N GLY A 2 -20.13 -2.39 24.15
CA GLY A 2 -20.79 -1.17 24.68
C GLY A 2 -19.88 -0.29 25.56
N PRO A 3 -20.40 0.85 26.01
CA PRO A 3 -19.64 1.75 26.90
C PRO A 3 -19.33 1.12 28.28
N ALA A 4 -18.27 1.63 28.90
CA ALA A 4 -17.77 1.12 30.16
C ALA A 4 -17.02 2.26 30.76
N MET A 5 -17.14 2.48 32.08
CA MET A 5 -16.29 3.48 32.68
C MET A 5 -14.80 3.10 32.47
N TYR A 6 -14.53 1.81 32.58
CA TYR A 6 -13.20 1.30 32.51
C TYR A 6 -13.00 0.24 31.42
N ARG A 7 -12.50 0.68 30.26
CA ARG A 7 -12.41 -0.19 29.07
C ARG A 7 -11.30 -1.24 29.10
N LEU A 8 -10.42 -1.17 30.11
CA LEU A 8 -9.43 -2.16 30.34
C LEU A 8 -9.46 -2.69 31.81
N LEU A 9 -10.68 -2.76 32.34
CA LEU A 9 -10.80 -3.10 33.79
C LEU A 9 -10.15 -4.43 34.11
N ASN A 10 -9.20 -4.41 35.09
CA ASN A 10 -8.54 -5.58 35.63
C ASN A 10 -7.55 -6.21 34.64
N LYS A 11 -7.34 -5.57 33.50
CA LYS A 11 -6.37 -6.09 32.55
C LYS A 11 -4.93 -5.71 32.99
N THR A 12 -3.98 -6.56 32.67
CA THR A 12 -2.58 -6.30 32.93
C THR A 12 -1.89 -5.90 31.61
N ALA A 13 -1.28 -4.72 31.65
CA ALA A 13 -0.56 -4.23 30.48
C ALA A 13 0.93 -4.05 30.83
N VAL A 14 1.77 -4.31 29.84
CA VAL A 14 3.20 -4.08 29.89
C VAL A 14 3.52 -3.05 28.82
N ILE A 15 4.13 -1.97 29.13
CA ILE A 15 4.48 -0.91 28.21
C ILE A 15 5.98 -0.69 28.25
N THR A 16 6.67 -0.98 27.18
CA THR A 16 8.13 -0.73 27.05
C THR A 16 8.21 0.73 26.54
N GLY A 17 9.34 1.41 26.73
CA GLY A 17 9.38 2.82 26.53
C GLY A 17 8.54 3.65 27.45
N GLY A 18 8.36 3.24 28.71
CA GLY A 18 7.78 4.15 29.76
C GLY A 18 8.65 5.34 30.15
N ASN A 19 9.81 5.52 29.51
CA ASN A 19 10.57 6.82 29.56
C ASN A 19 10.10 7.83 28.42
N SER A 20 9.57 7.32 27.32
CA SER A 20 9.03 8.22 26.25
C SER A 20 7.73 8.94 26.70
N GLY A 21 7.44 10.04 26.01
CA GLY A 21 6.21 10.75 25.99
C GLY A 21 5.06 9.79 25.70
N ILE A 22 5.13 9.01 24.64
CA ILE A 22 3.99 8.14 24.23
C ILE A 22 3.76 6.99 25.20
N GLY A 23 4.82 6.34 25.65
CA GLY A 23 4.70 5.26 26.59
C GLY A 23 4.09 5.78 27.89
N LEU A 24 4.49 6.94 28.38
CA LEU A 24 3.96 7.52 29.60
C LEU A 24 2.45 7.90 29.46
N ALA A 25 2.12 8.56 28.35
CA ALA A 25 0.74 8.98 28.11
C ALA A 25 -0.16 7.76 28.01
N THR A 26 0.35 6.70 27.42
CA THR A 26 -0.40 5.46 27.29
C THR A 26 -0.63 4.80 28.66
N ALA A 27 0.44 4.72 29.46
CA ALA A 27 0.29 4.23 30.83
C ALA A 27 -0.76 5.01 31.58
N LYS A 28 -0.76 6.31 31.48
CA LYS A 28 -1.79 7.13 32.17
C LYS A 28 -3.17 6.80 31.68
N ARG A 29 -3.34 6.70 30.38
CA ARG A 29 -4.67 6.38 29.89
C ARG A 29 -5.10 4.97 30.27
N PHE A 30 -4.18 4.01 30.21
CA PHE A 30 -4.48 2.66 30.57
C PHE A 30 -4.98 2.58 32.05
N VAL A 31 -4.25 3.26 32.91
CA VAL A 31 -4.64 3.26 34.35
C VAL A 31 -6.01 3.92 34.49
N ALA A 32 -6.25 5.01 33.78
CA ALA A 32 -7.55 5.64 33.84
C ALA A 32 -8.64 4.67 33.41
N GLU A 33 -8.34 3.77 32.46
CA GLU A 33 -9.25 2.74 32.00
C GLU A 33 -9.39 1.45 32.80
N GLY A 34 -8.72 1.42 33.96
CA GLY A 34 -8.81 0.33 34.90
C GLY A 34 -7.75 -0.75 34.88
N ALA A 35 -6.74 -0.58 33.97
CA ALA A 35 -5.68 -1.54 33.88
C ALA A 35 -4.64 -1.42 35.04
N TYR A 36 -3.95 -2.50 35.25
CA TYR A 36 -2.70 -2.51 36.00
C TYR A 36 -1.53 -2.44 34.99
N VAL A 37 -0.62 -1.50 35.17
CA VAL A 37 0.43 -1.25 34.16
C VAL A 37 1.81 -1.54 34.75
N PHE A 38 2.66 -2.24 33.96
CA PHE A 38 4.11 -2.25 34.16
C PHE A 38 4.72 -1.27 33.18
N ILE A 39 5.39 -0.20 33.62
CA ILE A 39 6.17 0.71 32.75
C ILE A 39 7.61 0.30 32.78
N VAL A 40 8.27 0.21 31.63
CA VAL A 40 9.57 -0.41 31.48
C VAL A 40 10.46 0.57 30.79
N GLY A 41 11.69 0.78 31.31
CA GLY A 41 12.59 1.77 30.77
C GLY A 41 13.99 1.54 31.32
N ARG A 42 14.98 2.27 30.77
CA ARG A 42 16.37 2.09 31.19
C ARG A 42 16.70 2.90 32.42
N ARG A 43 16.09 4.04 32.62
CA ARG A 43 16.53 4.99 33.64
C ARG A 43 15.57 4.90 34.83
N ARG A 44 16.06 4.29 35.91
CA ARG A 44 15.23 4.02 37.12
C ARG A 44 14.57 5.24 37.71
N LYS A 45 15.35 6.29 37.89
CA LYS A 45 14.81 7.46 38.57
C LYS A 45 13.61 8.05 37.80
N GLU A 46 13.78 8.25 36.48
CA GLU A 46 12.71 8.83 35.63
C GLU A 46 11.51 7.84 35.61
N LEU A 47 11.77 6.55 35.62
CA LEU A 47 10.70 5.57 35.78
C LEU A 47 9.91 5.70 37.07
N GLU A 48 10.61 5.88 38.18
CA GLU A 48 9.93 6.01 39.45
C GLU A 48 9.15 7.32 39.56
N GLN A 49 9.69 8.38 38.99
CA GLN A 49 8.93 9.67 38.83
C GLN A 49 7.68 9.49 37.90
N ALA A 50 7.83 8.79 36.78
CA ALA A 50 6.69 8.48 35.88
C ALA A 50 5.65 7.69 36.68
N ALA A 51 6.08 6.66 37.44
CA ALA A 51 5.13 5.88 38.26
C ALA A 51 4.43 6.74 39.32
N ALA A 52 5.17 7.66 39.93
CA ALA A 52 4.54 8.63 40.83
C ALA A 52 3.52 9.56 40.13
N GLU A 53 3.81 10.03 38.92
CA GLU A 53 2.84 10.82 38.10
C GLU A 53 1.60 10.01 37.79
N ILE A 54 1.78 8.77 37.33
CA ILE A 54 0.64 7.87 37.00
C ILE A 54 -0.16 7.73 38.33
N GLY A 55 0.53 7.40 39.43
CA GLY A 55 -0.05 7.51 40.76
C GLY A 55 -0.68 6.32 41.44
N ARG A 56 -1.09 5.30 40.69
CA ARG A 56 -1.72 4.09 41.23
C ARG A 56 -1.68 2.98 40.16
N ASN A 57 -1.80 1.73 40.57
CA ASN A 57 -1.93 0.58 39.69
C ASN A 57 -0.77 0.48 38.68
N VAL A 58 0.42 0.83 39.11
CA VAL A 58 1.60 0.84 38.25
C VAL A 58 2.85 0.29 38.98
N THR A 59 3.58 -0.61 38.34
CA THR A 59 4.89 -1.01 38.74
C THR A 59 5.93 -0.55 37.71
N ALA A 60 6.94 0.19 38.14
CA ALA A 60 8.08 0.50 37.31
C ALA A 60 9.10 -0.58 37.30
N VAL A 61 9.60 -0.95 36.13
CA VAL A 61 10.61 -1.97 36.00
C VAL A 61 11.78 -1.40 35.17
N LYS A 62 12.99 -1.34 35.72
CA LYS A 62 14.19 -1.00 34.98
C LYS A 62 14.61 -2.16 34.15
N ALA A 63 14.76 -1.93 32.83
CA ALA A 63 15.19 -2.96 31.95
C ALA A 63 15.64 -2.34 30.64
N ASP A 64 16.73 -2.83 30.12
CA ASP A 64 17.22 -2.49 28.77
C ASP A 64 16.75 -3.63 27.91
N VAL A 65 15.79 -3.31 27.01
CA VAL A 65 15.21 -4.39 26.18
C VAL A 65 16.14 -5.04 25.14
N THR A 66 17.29 -4.40 24.94
CA THR A 66 18.32 -5.02 24.14
C THR A 66 19.11 -6.10 24.84
N LYS A 67 18.85 -6.30 26.14
CA LYS A 67 19.54 -7.29 26.91
C LYS A 67 18.57 -8.37 27.31
N LEU A 68 18.76 -9.56 26.81
CA LEU A 68 17.94 -10.67 27.07
C LEU A 68 17.73 -11.01 28.55
N GLU A 69 18.81 -10.83 29.33
CA GLU A 69 18.70 -11.08 30.74
C GLU A 69 17.80 -10.10 31.40
N ASP A 70 17.81 -8.85 30.98
CA ASP A 70 16.90 -7.81 31.48
C ASP A 70 15.43 -8.15 31.18
N LEU A 71 15.17 -8.69 29.99
CA LEU A 71 13.82 -9.12 29.64
C LEU A 71 13.36 -10.27 30.50
N ASP A 72 14.27 -11.21 30.82
CA ASP A 72 13.92 -12.31 31.65
C ASP A 72 13.57 -11.79 33.07
N ARG A 73 14.30 -10.80 33.54
CA ARG A 73 14.04 -10.19 34.88
C ARG A 73 12.63 -9.53 34.87
N LEU A 74 12.30 -8.81 33.81
CA LEU A 74 11.01 -8.15 33.67
C LEU A 74 9.91 -9.12 33.76
N TYR A 75 9.94 -10.18 32.98
CA TYR A 75 8.87 -11.13 32.93
C TYR A 75 8.67 -11.92 34.21
N ALA A 76 9.79 -12.09 34.91
CA ALA A 76 9.69 -12.71 36.25
C ALA A 76 8.96 -11.86 37.18
N ILE A 77 9.21 -10.58 37.13
CA ILE A 77 8.47 -9.61 37.95
C ILE A 77 6.98 -9.59 37.61
N VAL A 78 6.67 -9.61 36.31
CA VAL A 78 5.27 -9.60 35.91
C VAL A 78 4.60 -10.87 36.36
N ARG A 79 5.24 -11.97 36.18
CA ARG A 79 4.67 -13.28 36.55
C ARG A 79 4.39 -13.32 38.08
N GLU A 80 5.30 -12.85 38.88
CA GLU A 80 5.12 -12.87 40.36
C GLU A 80 4.04 -11.91 40.80
N GLN A 81 3.98 -10.68 40.28
CA GLN A 81 3.03 -9.65 40.68
C GLN A 81 1.61 -9.77 40.11
N ARG A 82 1.48 -10.13 38.83
CA ARG A 82 0.16 -10.18 38.17
C ARG A 82 -0.16 -11.48 37.53
N GLY A 83 0.82 -12.26 37.10
CA GLY A 83 0.60 -13.57 36.66
C GLY A 83 0.33 -13.80 35.23
N SER A 84 0.01 -12.75 34.48
CA SER A 84 -0.37 -12.84 33.04
C SER A 84 -0.38 -11.46 32.45
N ILE A 85 -0.31 -11.46 31.11
CA ILE A 85 -0.38 -10.23 30.36
C ILE A 85 -1.57 -10.24 29.40
N ASP A 86 -2.35 -9.20 29.43
CA ASP A 86 -3.48 -9.01 28.52
C ASP A 86 -3.12 -8.14 27.37
N VAL A 87 -2.35 -7.11 27.61
CA VAL A 87 -1.96 -6.13 26.61
C VAL A 87 -0.46 -5.86 26.69
N LEU A 88 0.24 -5.91 25.56
CA LEU A 88 1.67 -5.64 25.45
C LEU A 88 1.86 -4.53 24.45
N PHE A 89 2.34 -3.39 24.86
CA PHE A 89 2.65 -2.24 24.03
C PHE A 89 4.16 -2.17 23.89
N ALA A 90 4.69 -2.80 22.81
CA ALA A 90 6.12 -2.91 22.52
C ALA A 90 6.51 -1.61 21.86
N ASN A 91 6.91 -0.64 22.63
CA ASN A 91 7.15 0.71 22.31
C ASN A 91 8.52 1.37 22.54
N SER A 92 9.49 0.58 22.81
CA SER A 92 10.85 1.20 22.81
C SER A 92 11.25 1.47 21.34
N GLY A 93 12.11 2.44 21.22
CA GLY A 93 12.45 3.04 19.95
C GLY A 93 13.57 4.00 20.29
N ALA A 94 14.40 4.28 19.27
CA ALA A 94 15.33 5.42 19.32
C ALA A 94 15.65 5.83 17.88
N ILE A 95 15.77 7.13 17.66
CA ILE A 95 16.17 7.67 16.34
C ILE A 95 17.45 8.44 16.46
N GLU A 96 18.36 8.23 15.52
CA GLU A 96 19.50 9.07 15.33
C GLU A 96 19.49 9.36 13.82
N GLN A 97 19.65 10.59 13.44
CA GLN A 97 19.76 10.96 12.01
C GLN A 97 21.14 10.76 11.49
N LYS A 98 21.26 10.01 10.36
CA LYS A 98 22.51 9.88 9.65
C LYS A 98 22.16 9.60 8.21
N THR A 99 22.78 10.31 7.29
CA THR A 99 22.63 10.00 5.87
C THR A 99 23.38 8.72 5.54
N LEU A 100 23.11 8.15 4.33
CA LEU A 100 23.75 6.95 3.91
C LEU A 100 25.31 7.10 3.98
N GLU A 101 25.80 8.24 3.50
CA GLU A 101 27.27 8.42 3.47
C GLU A 101 27.88 8.46 4.88
N GLU A 102 27.07 8.83 5.87
CA GLU A 102 27.51 8.93 7.25
C GLU A 102 27.33 7.69 8.11
N ILE A 103 26.57 6.68 7.65
CA ILE A 103 26.29 5.53 8.44
C ILE A 103 27.52 4.76 8.83
N THR A 104 27.67 4.52 10.14
CA THR A 104 28.69 3.62 10.67
C THR A 104 28.12 2.29 11.15
N PRO A 105 28.89 1.26 11.31
CA PRO A 105 28.37 -0.02 11.86
C PRO A 105 27.67 0.21 13.23
N GLU A 106 28.26 1.11 14.05
CA GLU A 106 27.72 1.38 15.41
C GLU A 106 26.35 2.05 15.35
N HIS A 107 26.17 2.96 14.44
CA HIS A 107 24.87 3.63 14.24
C HIS A 107 23.82 2.60 13.82
N TYR A 108 24.21 1.79 12.84
CA TYR A 108 23.30 0.73 12.38
C TYR A 108 22.87 -0.16 13.50
N ASP A 109 23.84 -0.64 14.27
CA ASP A 109 23.55 -1.59 15.32
C ASP A 109 22.73 -0.91 16.38
N ARG A 110 22.96 0.33 16.76
CA ARG A 110 22.20 0.98 17.84
C ARG A 110 20.73 1.07 17.36
N THR A 111 20.53 1.47 16.12
CA THR A 111 19.17 1.62 15.61
C THR A 111 18.44 0.31 15.54
N PHE A 112 19.01 -0.69 14.94
CA PHE A 112 18.36 -1.97 14.79
C PHE A 112 18.23 -2.73 16.11
N ASP A 113 19.23 -2.58 17.00
CA ASP A 113 19.14 -3.31 18.25
C ASP A 113 17.96 -2.83 19.10
N VAL A 114 17.69 -1.56 19.15
CA VAL A 114 16.59 -1.05 19.97
C VAL A 114 15.25 -1.29 19.24
N ASN A 115 15.19 -0.93 17.95
CA ASN A 115 13.89 -0.92 17.26
C ASN A 115 13.43 -2.26 16.74
N VAL A 116 14.32 -3.19 16.47
CA VAL A 116 13.94 -4.49 15.87
C VAL A 116 14.35 -5.64 16.71
N ARG A 117 15.66 -5.82 16.99
CA ARG A 117 16.09 -6.98 17.80
C ARG A 117 15.38 -6.97 19.17
N GLY A 118 15.45 -5.83 19.83
CA GLY A 118 14.83 -5.67 21.15
C GLY A 118 13.34 -5.97 21.13
N LEU A 119 12.68 -5.48 20.09
CA LEU A 119 11.26 -5.74 19.94
C LEU A 119 10.94 -7.18 19.78
N ILE A 120 11.68 -7.91 18.94
CA ILE A 120 11.49 -9.29 18.75
C ILE A 120 11.59 -10.07 20.07
N PHE A 121 12.67 -9.79 20.81
CA PHE A 121 12.87 -10.50 22.06
C PHE A 121 11.90 -10.08 23.15
N THR A 122 11.46 -8.86 23.10
CA THR A 122 10.39 -8.33 24.00
C THR A 122 9.15 -9.22 23.82
N VAL A 123 8.70 -9.41 22.59
CA VAL A 123 7.49 -10.12 22.31
C VAL A 123 7.66 -11.59 22.53
N GLN A 124 8.79 -12.16 22.05
CA GLN A 124 9.09 -13.61 22.24
C GLN A 124 8.96 -13.96 23.73
N LYS A 125 9.62 -13.16 24.57
CA LYS A 125 9.67 -13.53 26.00
C LYS A 125 8.34 -13.27 26.71
N ALA A 126 7.42 -12.50 26.10
CA ALA A 126 6.10 -12.29 26.66
C ALA A 126 5.15 -13.39 26.33
N LEU A 127 5.45 -14.25 25.36
CA LEU A 127 4.48 -15.25 24.95
C LEU A 127 3.94 -16.22 26.05
N PRO A 128 4.82 -16.67 26.97
CA PRO A 128 4.27 -17.59 28.03
C PRO A 128 3.27 -16.92 28.95
N LEU A 129 3.36 -15.63 29.11
CA LEU A 129 2.48 -14.86 29.96
C LEU A 129 1.28 -14.27 29.27
N LEU A 130 1.35 -14.12 27.95
CA LEU A 130 0.23 -13.50 27.21
C LEU A 130 -0.96 -14.38 27.29
N ARG A 131 -2.08 -13.78 27.62
CA ARG A 131 -3.33 -14.52 27.58
C ARG A 131 -3.87 -14.74 26.18
N ASP A 132 -4.47 -15.91 25.91
CA ASP A 132 -5.22 -16.06 24.69
C ASP A 132 -6.27 -14.97 24.62
N GLY A 133 -6.44 -14.40 23.43
CA GLY A 133 -7.33 -13.29 23.23
C GLY A 133 -6.75 -11.94 23.56
N GLY A 134 -5.46 -11.88 23.97
CA GLY A 134 -4.78 -10.66 24.26
C GLY A 134 -4.47 -9.82 23.04
N SER A 135 -3.88 -8.70 23.29
CA SER A 135 -3.59 -7.66 22.24
C SER A 135 -2.17 -7.18 22.36
N VAL A 136 -1.44 -7.14 21.26
CA VAL A 136 -0.04 -6.68 21.18
C VAL A 136 -0.06 -5.52 20.21
N ILE A 137 0.49 -4.41 20.64
CA ILE A 137 0.62 -3.19 19.83
C ILE A 137 2.07 -2.86 19.62
N LEU A 138 2.53 -2.73 18.37
CA LEU A 138 3.90 -2.37 17.99
C LEU A 138 3.99 -1.00 17.57
N THR A 139 5.01 -0.22 17.93
CA THR A 139 5.21 1.11 17.47
C THR A 139 6.06 1.11 16.22
N SER A 140 5.42 1.36 15.07
CA SER A 140 6.12 1.68 13.86
C SER A 140 6.26 3.18 13.73
N SER A 141 6.10 3.76 12.57
CA SER A 141 6.25 5.21 12.39
C SER A 141 5.80 5.50 10.96
N VAL A 142 5.33 6.73 10.66
CA VAL A 142 5.18 7.21 9.33
C VAL A 142 6.50 7.04 8.58
N ALA A 143 7.62 7.14 9.25
CA ALA A 143 8.91 6.99 8.59
C ALA A 143 8.98 5.66 7.83
N GLY A 144 8.28 4.61 8.33
CA GLY A 144 8.32 3.32 7.67
C GLY A 144 7.73 3.27 6.26
N VAL A 145 7.05 4.34 5.82
CA VAL A 145 6.48 4.44 4.43
C VAL A 145 6.90 5.66 3.67
N LEU A 146 7.92 6.38 4.21
CA LEU A 146 8.40 7.67 3.61
C LEU A 146 9.87 7.54 3.30
N GLY A 147 10.36 8.54 2.55
CA GLY A 147 11.78 8.65 2.22
C GLY A 147 12.36 9.96 2.79
N LEU A 148 12.61 9.93 4.06
CA LEU A 148 13.04 11.14 4.80
C LEU A 148 14.55 11.18 4.88
N GLN A 149 15.08 12.38 4.52
CA GLN A 149 16.45 12.63 4.53
C GLN A 149 17.06 12.23 5.83
N ALA A 150 18.14 11.47 5.81
CA ALA A 150 18.88 11.10 7.00
C ALA A 150 18.19 10.23 8.04
N HIS A 151 17.07 9.60 7.61
CA HIS A 151 16.35 8.63 8.45
C HIS A 151 16.56 7.20 8.06
N ASP A 152 17.63 6.95 7.34
CA ASP A 152 17.86 5.64 6.64
C ASP A 152 17.57 4.50 7.52
N THR A 153 18.27 4.37 8.66
CA THR A 153 18.16 3.17 9.49
C THR A 153 16.86 3.18 10.30
N TYR A 154 16.47 4.34 10.83
CA TYR A 154 15.22 4.42 11.62
C TYR A 154 14.02 3.97 10.77
N SER A 155 13.92 4.53 9.58
CA SER A 155 12.79 4.24 8.69
C SER A 155 12.77 2.80 8.32
N ALA A 156 13.92 2.22 8.01
CA ALA A 156 14.03 0.83 7.66
C ALA A 156 13.60 -0.06 8.81
N ALA A 157 14.09 0.24 10.02
CA ALA A 157 13.73 -0.49 11.20
C ALA A 157 12.23 -0.40 11.47
N LYS A 158 11.64 0.76 11.31
CA LYS A 158 10.22 0.90 11.58
C LYS A 158 9.39 0.17 10.53
N ALA A 159 9.90 0.03 9.30
CA ALA A 159 9.23 -0.83 8.31
C ALA A 159 9.30 -2.28 8.71
N ALA A 160 10.45 -2.70 9.25
CA ALA A 160 10.56 -4.03 9.81
C ALA A 160 9.52 -4.26 10.88
N VAL A 161 9.38 -3.31 11.81
CA VAL A 161 8.37 -3.47 12.88
C VAL A 161 6.98 -3.70 12.31
N ARG A 162 6.58 -2.93 11.29
CA ARG A 162 5.26 -3.11 10.71
C ARG A 162 5.08 -4.53 10.10
N SER A 163 6.11 -5.03 9.45
CA SER A 163 6.10 -6.37 8.94
C SER A 163 5.83 -7.41 10.02
N LEU A 164 6.49 -7.26 11.17
CA LEU A 164 6.36 -8.23 12.23
C LEU A 164 4.92 -8.31 12.71
N ALA A 165 4.11 -7.20 12.67
CA ALA A 165 2.73 -7.27 13.02
C ALA A 165 2.01 -8.26 12.08
N ARG A 166 2.34 -8.29 10.80
CA ARG A 166 1.72 -9.24 9.88
C ARG A 166 2.10 -10.66 10.26
N THR A 167 3.39 -10.91 10.38
CA THR A 167 3.86 -12.27 10.64
C THR A 167 3.24 -12.82 11.93
N TRP A 168 3.26 -12.01 12.96
CA TRP A 168 2.79 -12.46 14.30
C TRP A 168 1.32 -12.59 14.32
N THR A 169 0.56 -11.86 13.49
CA THR A 169 -0.88 -12.09 13.31
C THR A 169 -1.06 -13.53 12.86
N THR A 170 -0.34 -13.98 11.86
CA THR A 170 -0.40 -15.31 11.40
C THR A 170 0.01 -16.33 12.46
N GLU A 171 1.16 -16.11 13.08
CA GLU A 171 1.71 -17.11 14.02
C GLU A 171 0.92 -17.23 15.30
N LEU A 172 0.26 -16.18 15.73
CA LEU A 172 -0.45 -16.21 17.00
C LEU A 172 -1.98 -16.38 16.89
N LYS A 173 -2.44 -16.59 15.67
CA LYS A 173 -3.88 -16.64 15.43
C LYS A 173 -4.52 -17.82 16.20
N GLY A 174 -3.81 -18.93 16.33
CA GLY A 174 -4.39 -20.06 17.11
C GLY A 174 -4.66 -19.74 18.52
N ARG A 175 -3.96 -18.75 19.11
CA ARG A 175 -4.17 -18.25 20.44
C ARG A 175 -5.10 -17.02 20.50
N SER A 176 -5.61 -16.63 19.35
CA SER A 176 -6.49 -15.45 19.21
C SER A 176 -5.88 -14.17 19.77
N ILE A 177 -4.56 -14.04 19.62
CA ILE A 177 -3.87 -12.85 20.04
C ILE A 177 -3.73 -11.94 18.81
N ARG A 178 -4.25 -10.72 18.93
CA ARG A 178 -4.17 -9.77 17.83
C ARG A 178 -2.89 -8.97 17.96
N VAL A 179 -2.25 -8.72 16.84
CA VAL A 179 -1.09 -7.97 16.75
C VAL A 179 -1.26 -6.86 15.73
N ASN A 180 -1.08 -5.62 16.09
CA ASN A 180 -1.36 -4.46 15.24
C ASN A 180 -0.21 -3.51 15.40
N ALA A 181 0.11 -2.71 14.42
CA ALA A 181 1.11 -1.67 14.46
C ALA A 181 0.42 -0.33 14.49
N VAL A 182 0.91 0.59 15.33
CA VAL A 182 0.57 1.96 15.27
CA VAL A 182 0.58 1.99 15.26
C VAL A 182 1.74 2.73 14.66
N SER A 183 1.43 3.67 13.75
CA SER A 183 2.43 4.45 13.04
C SER A 183 2.18 5.94 13.31
N PRO A 184 2.83 6.46 14.39
CA PRO A 184 2.68 7.87 14.64
C PRO A 184 3.35 8.75 13.61
N GLY A 185 2.77 9.91 13.41
CA GLY A 185 3.40 10.98 12.73
C GLY A 185 4.14 11.86 13.70
N ALA A 186 4.01 13.16 13.48
CA ALA A 186 4.61 14.13 14.40
C ALA A 186 3.87 14.15 15.74
N ILE A 187 4.57 13.84 16.78
CA ILE A 187 4.04 13.96 18.12
C ILE A 187 4.93 14.91 18.90
N ASP A 188 4.30 15.98 19.42
CA ASP A 188 4.98 17.13 20.13
C ASP A 188 5.88 18.03 19.26
N THR A 189 6.67 17.45 18.33
CA THR A 189 7.55 18.16 17.45
C THR A 189 7.31 17.72 16.03
N PRO A 190 7.56 18.59 15.06
CA PRO A 190 7.43 18.23 13.64
C PRO A 190 8.50 17.24 13.15
N ILE A 191 7.96 16.42 12.23
CA ILE A 191 8.61 15.54 11.22
C ILE A 191 8.34 14.05 11.55
N ALA A 212 3.09 18.43 3.72
CA ALA A 212 1.89 19.03 4.35
C ALA A 212 1.06 18.03 5.21
N THR A 213 0.72 18.43 6.42
CA THR A 213 -0.13 17.61 7.32
C THR A 213 -1.52 18.25 7.40
N PRO A 214 -2.57 17.53 6.94
CA PRO A 214 -3.86 18.14 6.90
C PRO A 214 -4.33 18.79 8.22
N LEU A 215 -4.14 18.14 9.38
CA LEU A 215 -4.66 18.68 10.61
C LEU A 215 -3.89 19.93 11.03
N GLY A 216 -2.75 20.17 10.41
CA GLY A 216 -2.07 21.45 10.54
C GLY A 216 -1.39 21.66 11.86
N ARG A 217 -1.13 20.57 12.57
CA ARG A 217 -0.47 20.64 13.89
C ARG A 217 0.19 19.32 14.21
N VAL A 218 1.11 19.32 15.18
CA VAL A 218 1.64 18.09 15.74
C VAL A 218 0.56 17.40 16.56
N GLY A 219 0.69 16.08 16.72
CA GLY A 219 -0.16 15.37 17.63
C GLY A 219 0.28 15.43 19.08
N ARG A 220 -0.65 15.21 19.97
CA ARG A 220 -0.34 15.18 21.40
C ARG A 220 -0.08 13.76 21.81
N PRO A 221 0.79 13.46 22.76
CA PRO A 221 0.97 12.14 23.21
C PRO A 221 -0.33 11.44 23.59
N GLU A 222 -1.25 12.14 24.23
CA GLU A 222 -2.52 11.56 24.61
C GLU A 222 -3.39 11.11 23.43
N GLU A 223 -3.19 11.69 22.30
CA GLU A 223 -3.89 11.23 21.06
C GLU A 223 -3.32 9.95 20.54
N LEU A 224 -2.02 9.75 20.65
CA LEU A 224 -1.45 8.46 20.31
C LEU A 224 -1.90 7.43 21.28
N ALA A 225 -1.86 7.76 22.58
CA ALA A 225 -2.33 6.84 23.60
C ALA A 225 -3.78 6.35 23.34
N ALA A 226 -4.64 7.24 22.90
CA ALA A 226 -6.03 6.94 22.66
C ALA A 226 -6.15 5.93 21.52
N ALA A 227 -5.30 6.09 20.52
CA ALA A 227 -5.33 5.13 19.39
C ALA A 227 -4.79 3.79 19.80
N VAL A 228 -3.74 3.75 20.66
CA VAL A 228 -3.27 2.48 21.25
C VAL A 228 -4.34 1.84 22.08
N LEU A 229 -5.05 2.68 22.86
CA LEU A 229 -6.17 2.14 23.61
C LEU A 229 -7.20 1.47 22.73
N PHE A 230 -7.50 2.05 21.61
CA PHE A 230 -8.41 1.37 20.67
C PHE A 230 -7.95 -0.05 20.35
N LEU A 231 -6.69 -0.18 19.97
CA LEU A 231 -6.07 -1.49 19.67
C LEU A 231 -5.97 -2.45 20.83
N ALA A 232 -5.77 -1.91 22.04
CA ALA A 232 -5.73 -2.72 23.23
C ALA A 232 -7.10 -3.24 23.69
N SER A 233 -8.11 -2.45 23.41
CA SER A 233 -9.49 -2.60 23.90
C SER A 233 -10.28 -3.55 23.01
N ASP A 234 -11.46 -3.97 23.54
CA ASP A 234 -12.29 -4.83 22.80
C ASP A 234 -13.01 -4.14 21.62
N ASP A 235 -12.96 -2.83 21.52
CA ASP A 235 -13.49 -2.11 20.36
C ASP A 235 -12.79 -2.49 19.07
N SER A 236 -11.55 -2.94 19.17
CA SER A 236 -10.80 -3.42 18.00
C SER A 236 -10.71 -4.93 17.85
N SER A 237 -11.71 -5.61 18.41
CA SER A 237 -11.68 -7.07 18.37
C SER A 237 -11.66 -7.77 17.04
N TYR A 238 -12.08 -7.08 15.98
CA TYR A 238 -12.00 -7.68 14.64
C TYR A 238 -10.91 -6.99 13.80
N VAL A 239 -9.94 -6.39 14.44
CA VAL A 239 -8.84 -5.66 13.84
C VAL A 239 -7.55 -6.40 14.06
N ALA A 240 -6.89 -6.84 13.03
CA ALA A 240 -5.68 -7.63 13.14
C ALA A 240 -4.69 -7.38 12.00
N GLY A 241 -3.44 -7.28 12.33
CA GLY A 241 -2.36 -7.11 11.38
C GLY A 241 -2.17 -5.72 10.79
N ILE A 242 -2.94 -4.76 11.27
CA ILE A 242 -3.03 -3.49 10.60
C ILE A 242 -1.87 -2.55 10.91
N GLU A 243 -1.76 -1.53 10.09
CA GLU A 243 -0.97 -0.34 10.33
C GLU A 243 -1.89 0.85 10.48
N LEU A 244 -2.06 1.34 11.76
CA LEU A 244 -2.93 2.43 12.10
C LEU A 244 -2.14 3.73 12.10
N PHE A 245 -2.28 4.52 11.06
CA PHE A 245 -1.58 5.83 11.00
C PHE A 245 -2.30 6.82 11.88
N VAL A 246 -1.47 7.41 12.76
CA VAL A 246 -1.93 8.44 13.70
C VAL A 246 -1.07 9.70 13.46
N ASP A 247 -1.37 10.38 12.38
CA ASP A 247 -0.45 11.35 11.76
C ASP A 247 -1.10 12.57 11.25
N GLY A 248 -2.38 12.80 11.61
CA GLY A 248 -3.05 14.01 11.15
C GLY A 248 -3.24 14.08 9.65
N GLY A 249 -3.11 12.91 9.01
CA GLY A 249 -3.33 12.77 7.54
C GLY A 249 -2.06 12.79 6.72
N LEU A 250 -0.88 13.01 7.31
CA LEU A 250 0.35 13.24 6.56
C LEU A 250 0.65 12.29 5.44
N THR A 251 0.51 11.01 5.75
CA THR A 251 0.82 9.90 4.83
C THR A 251 -0.39 9.54 3.95
N GLN A 252 -1.56 10.12 4.18
CA GLN A 252 -2.78 9.69 3.53
C GLN A 252 -3.24 10.55 2.39
N VAL A 253 -2.61 11.70 2.17
CA VAL A 253 -3.03 12.61 1.10
C VAL A 253 -1.88 12.96 0.19
N GLN B 1 18.97 -19.54 -26.13
CA GLN B 1 18.10 -18.34 -26.46
C GLN B 1 18.32 -17.03 -25.65
N GLY B 2 18.36 -15.96 -26.42
CA GLY B 2 18.52 -14.61 -25.98
C GLY B 2 17.30 -13.73 -26.24
N PRO B 3 17.42 -12.43 -25.98
CA PRO B 3 16.29 -11.52 -26.13
C PRO B 3 16.04 -11.21 -27.61
N ALA B 4 14.81 -10.84 -27.92
CA ALA B 4 14.38 -10.41 -29.26
C ALA B 4 14.71 -8.94 -29.34
N MET B 5 15.18 -8.47 -30.48
CA MET B 5 15.50 -7.07 -30.65
C MET B 5 14.23 -6.19 -30.75
N TYR B 6 13.24 -6.60 -31.57
CA TYR B 6 12.01 -5.90 -31.72
C TYR B 6 11.00 -6.47 -30.76
N ARG B 7 10.72 -5.71 -29.69
CA ARG B 7 10.04 -6.33 -28.58
C ARG B 7 8.53 -6.51 -28.69
N LEU B 8 7.92 -6.02 -29.79
CA LEU B 8 6.51 -6.27 -30.06
C LEU B 8 6.35 -6.73 -31.52
N LEU B 9 7.32 -7.46 -32.00
CA LEU B 9 7.34 -7.78 -33.47
C LEU B 9 6.07 -8.48 -33.88
N ASN B 10 5.38 -7.81 -34.81
CA ASN B 10 4.15 -8.37 -35.51
C ASN B 10 2.96 -8.45 -34.56
N LYS B 11 3.08 -7.87 -33.35
CA LYS B 11 1.95 -7.86 -32.46
C LYS B 11 0.99 -6.83 -32.86
N THR B 12 -0.30 -7.05 -32.55
CA THR B 12 -1.33 -6.04 -32.81
C THR B 12 -1.71 -5.31 -31.49
N ALA B 13 -1.60 -4.02 -31.50
CA ALA B 13 -1.91 -3.20 -30.35
C ALA B 13 -3.05 -2.25 -30.64
N VAL B 14 -3.97 -2.09 -29.69
CA VAL B 14 -5.03 -1.08 -29.71
C VAL B 14 -4.75 -0.09 -28.59
N ILE B 15 -4.74 1.19 -28.88
CA ILE B 15 -4.48 2.25 -27.97
C ILE B 15 -5.60 3.24 -28.02
N THR B 16 -6.40 3.34 -26.96
CA THR B 16 -7.41 4.38 -26.86
C THR B 16 -6.74 5.62 -26.35
N GLY B 17 -7.30 6.78 -26.58
CA GLY B 17 -6.60 8.00 -26.37
C GLY B 17 -5.34 8.13 -27.21
N GLY B 18 -5.32 7.51 -28.41
CA GLY B 18 -4.10 7.37 -29.20
C GLY B 18 -3.78 8.57 -30.08
N ASN B 19 -4.59 9.60 -29.98
CA ASN B 19 -4.41 10.79 -30.85
C ASN B 19 -3.44 11.78 -30.32
N SER B 20 -3.09 11.68 -29.05
CA SER B 20 -2.23 12.70 -28.43
C SER B 20 -1.56 12.15 -27.15
N GLY B 21 -0.63 12.93 -26.63
CA GLY B 21 -0.05 12.75 -25.30
C GLY B 21 0.64 11.40 -25.12
N ILE B 22 0.25 10.75 -24.04
CA ILE B 22 0.78 9.46 -23.73
C ILE B 22 0.38 8.36 -24.72
N GLY B 23 -0.85 8.40 -25.21
CA GLY B 23 -1.29 7.41 -26.14
C GLY B 23 -0.53 7.50 -27.47
N LEU B 24 -0.26 8.71 -27.92
CA LEU B 24 0.52 8.92 -29.13
C LEU B 24 1.97 8.48 -28.99
N ALA B 25 2.62 8.89 -27.88
CA ALA B 25 3.99 8.52 -27.66
C ALA B 25 4.08 7.00 -27.56
N THR B 26 3.11 6.36 -26.93
CA THR B 26 3.07 4.90 -26.86
C THR B 26 2.96 4.31 -28.25
N ALA B 27 2.03 4.82 -29.05
CA ALA B 27 1.94 4.33 -30.40
C ALA B 27 3.25 4.42 -31.19
N LYS B 28 3.96 5.51 -31.05
CA LYS B 28 5.24 5.67 -31.74
C LYS B 28 6.24 4.58 -31.29
N ARG B 29 6.34 4.42 -29.95
CA ARG B 29 7.27 3.38 -29.49
C ARG B 29 6.87 2.03 -29.86
N PHE B 30 5.58 1.71 -29.81
CA PHE B 30 5.12 0.39 -30.19
C PHE B 30 5.44 0.07 -31.67
N VAL B 31 5.27 1.06 -32.49
CA VAL B 31 5.63 0.89 -33.96
C VAL B 31 7.14 0.71 -34.12
N ALA B 32 7.92 1.42 -33.35
CA ALA B 32 9.41 1.23 -33.37
C ALA B 32 9.80 -0.19 -32.95
N GLU B 33 9.06 -0.75 -32.00
CA GLU B 33 9.22 -2.08 -31.57
C GLU B 33 8.61 -3.18 -32.33
N GLY B 34 8.05 -2.79 -33.49
CA GLY B 34 7.62 -3.79 -34.49
C GLY B 34 6.11 -4.09 -34.55
N ALA B 35 5.32 -3.45 -33.69
CA ALA B 35 3.89 -3.65 -33.64
C ALA B 35 3.15 -3.00 -34.79
N TYR B 36 1.94 -3.52 -35.02
CA TYR B 36 0.89 -2.81 -35.78
C TYR B 36 -0.05 -2.13 -34.77
N VAL B 37 -0.31 -0.84 -34.89
CA VAL B 37 -1.10 -0.08 -33.90
C VAL B 37 -2.42 0.48 -34.47
N PHE B 38 -3.51 0.33 -33.71
CA PHE B 38 -4.75 1.05 -33.94
C PHE B 38 -4.80 2.17 -32.94
N ILE B 39 -4.80 3.41 -33.34
CA ILE B 39 -4.99 4.55 -32.49
C ILE B 39 -6.44 4.99 -32.53
N VAL B 40 -7.06 5.24 -31.37
CA VAL B 40 -8.51 5.47 -31.25
C VAL B 40 -8.67 6.78 -30.58
N GLY B 41 -9.64 7.58 -31.09
CA GLY B 41 -9.86 8.90 -30.56
C GLY B 41 -11.17 9.48 -31.15
N ARG B 42 -11.64 10.59 -30.59
CA ARG B 42 -12.97 11.13 -30.97
C ARG B 42 -12.92 12.02 -32.19
N ARG B 43 -11.79 12.70 -32.43
CA ARG B 43 -11.71 13.68 -33.53
C ARG B 43 -10.89 13.22 -34.77
N ARG B 44 -11.53 13.16 -35.94
CA ARG B 44 -10.93 12.74 -37.17
C ARG B 44 -9.59 13.46 -37.53
N LYS B 45 -9.59 14.78 -37.49
CA LYS B 45 -8.44 15.54 -37.97
C LYS B 45 -7.21 15.26 -37.11
N GLU B 46 -7.39 15.28 -35.79
CA GLU B 46 -6.28 15.00 -34.86
C GLU B 46 -5.81 13.55 -35.08
N LEU B 47 -6.72 12.59 -35.26
CA LEU B 47 -6.30 11.26 -35.49
C LEU B 47 -5.48 11.10 -36.75
N GLU B 48 -5.90 11.78 -37.81
CA GLU B 48 -5.18 11.66 -39.06
C GLU B 48 -3.77 12.28 -39.01
N GLN B 49 -3.64 13.41 -38.36
CA GLN B 49 -2.37 13.99 -38.06
C GLN B 49 -1.47 13.02 -37.21
N ALA B 50 -2.07 12.40 -36.18
CA ALA B 50 -1.29 11.49 -35.33
C ALA B 50 -0.81 10.33 -36.18
N ALA B 51 -1.65 9.76 -37.02
CA ALA B 51 -1.28 8.62 -37.84
C ALA B 51 -0.19 9.00 -38.83
N ALA B 52 -0.27 10.22 -39.38
CA ALA B 52 0.80 10.69 -40.24
C ALA B 52 2.14 10.85 -39.49
N GLU B 53 2.12 11.34 -38.23
CA GLU B 53 3.31 11.42 -37.38
C GLU B 53 3.91 10.04 -37.10
N ILE B 54 3.08 9.07 -36.75
CA ILE B 54 3.55 7.71 -36.49
C ILE B 54 4.17 7.18 -37.80
N GLY B 55 3.46 7.38 -38.92
CA GLY B 55 4.08 7.20 -40.25
C GLY B 55 4.01 5.88 -40.93
N ARG B 56 3.82 4.77 -40.22
CA ARG B 56 3.69 3.44 -40.79
C ARG B 56 3.01 2.54 -39.78
N ASN B 57 2.49 1.43 -40.24
CA ASN B 57 1.97 0.33 -39.40
C ASN B 57 0.97 0.88 -38.39
N VAL B 58 0.14 1.82 -38.82
CA VAL B 58 -0.89 2.39 -38.00
C VAL B 58 -2.24 2.61 -38.71
N THR B 59 -3.33 2.25 -38.06
CA THR B 59 -4.72 2.55 -38.52
C THR B 59 -5.39 3.46 -37.46
N ALA B 60 -5.89 4.61 -37.85
CA ALA B 60 -6.66 5.47 -37.00
C ALA B 60 -8.13 5.08 -37.03
N VAL B 61 -8.78 5.04 -35.85
CA VAL B 61 -10.23 4.68 -35.73
C VAL B 61 -10.90 5.74 -34.92
N LYS B 62 -11.92 6.40 -35.48
CA LYS B 62 -12.71 7.40 -34.75
C LYS B 62 -13.78 6.67 -33.93
N ALA B 63 -13.77 6.93 -32.62
CA ALA B 63 -14.72 6.26 -31.74
C ALA B 63 -14.78 7.03 -30.46
N ASP B 64 -16.00 7.12 -29.92
CA ASP B 64 -16.26 7.58 -28.54
C ASP B 64 -16.45 6.38 -27.67
N VAL B 65 -15.41 6.12 -26.84
CA VAL B 65 -15.35 4.86 -26.11
C VAL B 65 -16.42 4.74 -25.03
N THR B 66 -17.11 5.84 -24.76
CA THR B 66 -18.28 5.82 -23.88
C THR B 66 -19.55 5.27 -24.55
N LYS B 67 -19.52 4.99 -25.86
CA LYS B 67 -20.66 4.45 -26.65
C LYS B 67 -20.42 3.08 -27.08
N LEU B 68 -21.24 2.17 -26.63
CA LEU B 68 -21.08 0.80 -26.92
C LEU B 68 -21.01 0.48 -28.42
N GLU B 69 -21.85 1.16 -29.19
CA GLU B 69 -21.86 0.91 -30.64
C GLU B 69 -20.54 1.33 -31.29
N ASP B 70 -19.88 2.38 -30.77
CA ASP B 70 -18.55 2.86 -31.31
C ASP B 70 -17.45 1.85 -31.02
N LEU B 71 -17.50 1.26 -29.83
CA LEU B 71 -16.65 0.12 -29.53
C LEU B 71 -16.88 -1.08 -30.41
N ASP B 72 -18.14 -1.42 -30.73
CA ASP B 72 -18.38 -2.56 -31.61
C ASP B 72 -17.79 -2.32 -33.03
N ARG B 73 -17.88 -1.06 -33.44
CA ARG B 73 -17.37 -0.66 -34.75
C ARG B 73 -15.86 -0.78 -34.77
N LEU B 74 -15.23 -0.32 -33.69
CA LEU B 74 -13.75 -0.42 -33.54
C LEU B 74 -13.33 -1.82 -33.64
N TYR B 75 -13.91 -2.73 -32.89
CA TYR B 75 -13.48 -4.06 -32.84
C TYR B 75 -13.75 -4.84 -34.18
N ALA B 76 -14.83 -4.46 -34.86
CA ALA B 76 -15.08 -4.99 -36.22
C ALA B 76 -13.96 -4.59 -37.18
N ILE B 77 -13.54 -3.33 -37.11
CA ILE B 77 -12.36 -2.93 -37.90
C ILE B 77 -11.14 -3.76 -37.52
N VAL B 78 -10.84 -3.88 -36.22
CA VAL B 78 -9.64 -4.61 -35.86
C VAL B 78 -9.72 -6.01 -36.33
N ARG B 79 -10.88 -6.66 -36.17
CA ARG B 79 -11.06 -8.04 -36.53
C ARG B 79 -10.81 -8.22 -38.06
N GLU B 80 -11.36 -7.30 -38.83
CA GLU B 80 -11.20 -7.42 -40.32
C GLU B 80 -9.75 -7.14 -40.76
N GLN B 81 -9.11 -6.09 -40.21
CA GLN B 81 -7.77 -5.70 -40.64
C GLN B 81 -6.64 -6.54 -40.06
N ARG B 82 -6.75 -6.96 -38.80
CA ARG B 82 -5.66 -7.74 -38.15
C ARG B 82 -6.04 -9.08 -37.58
N GLY B 83 -7.29 -9.24 -37.16
CA GLY B 83 -7.80 -10.48 -36.70
C GLY B 83 -7.75 -10.80 -35.22
N SER B 84 -6.95 -10.07 -34.47
CA SER B 84 -6.72 -10.39 -33.01
C SER B 84 -5.96 -9.24 -32.40
N ILE B 85 -6.00 -9.22 -31.06
CA ILE B 85 -5.31 -8.15 -30.29
C ILE B 85 -4.33 -8.81 -29.33
N ASP B 86 -3.07 -8.37 -29.37
CA ASP B 86 -2.04 -8.85 -28.43
C ASP B 86 -1.91 -7.92 -27.25
N VAL B 87 -2.04 -6.65 -27.48
CA VAL B 87 -1.86 -5.60 -26.48
C VAL B 87 -3.00 -4.63 -26.56
N LEU B 88 -3.63 -4.28 -25.42
CA LEU B 88 -4.65 -3.27 -25.30
C LEU B 88 -4.18 -2.23 -24.27
N PHE B 89 -3.97 -1.01 -24.68
CA PHE B 89 -3.69 0.09 -23.82
C PHE B 89 -4.96 0.91 -23.73
N ALA B 90 -5.72 0.69 -22.64
CA ALA B 90 -7.00 1.33 -22.36
C ALA B 90 -6.67 2.59 -21.62
N ASN B 91 -6.40 3.58 -22.40
CA ASN B 91 -5.92 4.88 -22.06
C ASN B 91 -6.85 6.11 -22.08
N SER B 92 -8.02 5.90 -21.55
CA SER B 92 -9.03 6.96 -21.32
C SER B 92 -8.58 7.94 -20.30
N GLY B 93 -8.99 9.17 -20.44
CA GLY B 93 -8.99 10.00 -19.29
C GLY B 93 -9.10 11.49 -19.47
N ALA B 94 -9.80 12.09 -18.52
CA ALA B 94 -9.98 13.52 -18.55
C ALA B 94 -10.23 14.01 -17.15
N ILE B 95 -9.66 15.16 -16.84
CA ILE B 95 -9.79 15.84 -15.55
C ILE B 95 -10.55 17.12 -15.70
N GLU B 96 -11.50 17.35 -14.85
CA GLU B 96 -12.04 18.68 -14.63
C GLU B 96 -11.93 18.90 -13.13
N GLN B 97 -11.35 20.00 -12.71
CA GLN B 97 -11.24 20.29 -11.29
C GLN B 97 -12.53 20.87 -10.77
N LYS B 98 -13.08 20.25 -9.72
CA LYS B 98 -14.22 20.78 -8.97
C LYS B 98 -14.06 20.34 -7.52
N THR B 99 -14.24 21.25 -6.58
CA THR B 99 -14.32 20.85 -5.17
C THR B 99 -15.59 20.15 -4.87
N LEU B 100 -15.67 19.51 -3.71
CA LEU B 100 -16.89 18.81 -3.29
C LEU B 100 -18.14 19.74 -3.36
N GLU B 101 -17.99 20.95 -2.85
CA GLU B 101 -19.14 21.90 -2.82
C GLU B 101 -19.63 22.25 -4.24
N GLU B 102 -18.70 22.18 -5.21
CA GLU B 102 -18.99 22.54 -6.60
C GLU B 102 -19.52 21.40 -7.46
N ILE B 103 -19.42 20.12 -7.02
CA ILE B 103 -19.72 19.04 -7.90
C ILE B 103 -21.19 19.07 -8.28
N THR B 104 -21.45 18.93 -9.58
CA THR B 104 -22.76 18.70 -10.10
C THR B 104 -22.94 17.27 -10.59
N PRO B 105 -24.17 16.84 -10.81
CA PRO B 105 -24.39 15.57 -11.41
C PRO B 105 -23.70 15.40 -12.77
N GLU B 106 -23.73 16.44 -13.59
CA GLU B 106 -23.13 16.40 -14.91
C GLU B 106 -21.62 16.23 -14.86
N HIS B 107 -20.98 16.93 -13.92
CA HIS B 107 -19.54 16.80 -13.70
C HIS B 107 -19.14 15.37 -13.24
N TYR B 108 -19.87 14.87 -12.28
CA TYR B 108 -19.72 13.49 -11.85
C TYR B 108 -19.85 12.46 -13.02
N ASP B 109 -20.94 12.58 -13.81
CA ASP B 109 -21.20 11.62 -14.86
C ASP B 109 -20.18 11.75 -15.97
N ARG B 110 -19.75 12.96 -16.33
CA ARG B 110 -18.74 13.10 -17.35
C ARG B 110 -17.47 12.35 -16.89
N THR B 111 -17.02 12.64 -15.66
CA THR B 111 -15.73 12.09 -15.17
C THR B 111 -15.74 10.62 -15.08
N PHE B 112 -16.82 10.07 -14.53
CA PHE B 112 -16.91 8.63 -14.44
C PHE B 112 -17.19 7.93 -15.80
N ASP B 113 -17.93 8.61 -16.68
CA ASP B 113 -18.16 8.01 -18.00
C ASP B 113 -16.88 7.83 -18.76
N VAL B 114 -16.03 8.83 -18.79
N VAL B 114 -16.04 8.83 -18.78
CA VAL B 114 -14.79 8.73 -19.58
CA VAL B 114 -14.79 8.72 -19.57
C VAL B 114 -13.73 7.84 -18.87
C VAL B 114 -13.76 7.81 -18.86
N ASN B 115 -13.57 8.01 -17.55
CA ASN B 115 -12.47 7.31 -16.87
C ASN B 115 -12.80 5.90 -16.43
N VAL B 116 -14.07 5.57 -16.18
CA VAL B 116 -14.44 4.27 -15.68
C VAL B 116 -15.38 3.53 -16.63
N ARG B 117 -16.56 4.07 -16.94
CA ARG B 117 -17.50 3.33 -17.85
C ARG B 117 -16.86 3.00 -19.21
N GLY B 118 -16.25 4.01 -19.78
CA GLY B 118 -15.57 3.82 -21.07
C GLY B 118 -14.51 2.76 -21.03
N LEU B 119 -13.75 2.72 -19.92
CA LEU B 119 -12.74 1.73 -19.75
C LEU B 119 -13.26 0.36 -19.66
N ILE B 120 -14.28 0.19 -18.80
CA ILE B 120 -14.87 -1.09 -18.63
C ILE B 120 -15.32 -1.71 -20.00
N PHE B 121 -16.10 -0.92 -20.71
CA PHE B 121 -16.66 -1.43 -21.99
C PHE B 121 -15.60 -1.58 -23.08
N THR B 122 -14.57 -0.74 -23.03
CA THR B 122 -13.39 -0.96 -23.89
C THR B 122 -12.80 -2.30 -23.71
N VAL B 123 -12.49 -2.70 -22.46
CA VAL B 123 -11.93 -4.00 -22.19
C VAL B 123 -12.90 -5.13 -22.44
N GLN B 124 -14.14 -4.99 -21.97
CA GLN B 124 -15.17 -6.02 -22.20
C GLN B 124 -15.28 -6.44 -23.73
N LYS B 125 -15.32 -5.43 -24.49
CA LYS B 125 -15.57 -5.66 -25.93
C LYS B 125 -14.34 -6.12 -26.64
N ALA B 126 -13.16 -5.93 -26.05
CA ALA B 126 -11.96 -6.51 -26.61
C ALA B 126 -11.76 -7.94 -26.35
N LEU B 127 -12.49 -8.49 -25.38
CA LEU B 127 -12.19 -9.85 -24.97
C LEU B 127 -12.19 -10.90 -26.14
N PRO B 128 -13.20 -10.87 -27.01
CA PRO B 128 -13.21 -11.93 -28.03
C PRO B 128 -12.01 -11.91 -28.94
N LEU B 129 -11.41 -10.74 -29.10
CA LEU B 129 -10.21 -10.58 -29.99
C LEU B 129 -8.88 -10.74 -29.28
N LEU B 130 -8.88 -10.62 -27.95
CA LEU B 130 -7.62 -10.66 -27.20
C LEU B 130 -7.09 -12.03 -27.24
N ARG B 131 -5.80 -12.13 -27.61
CA ARG B 131 -5.14 -13.41 -27.60
C ARG B 131 -4.86 -13.90 -26.19
N ASP B 132 -5.00 -15.18 -25.97
CA ASP B 132 -4.51 -15.75 -24.73
C ASP B 132 -3.01 -15.43 -24.60
N GLY B 133 -2.58 -15.04 -23.38
CA GLY B 133 -1.21 -14.58 -23.17
C GLY B 133 -0.98 -13.11 -23.53
N GLY B 134 -2.01 -12.37 -23.92
CA GLY B 134 -1.95 -10.97 -24.19
C GLY B 134 -1.74 -10.07 -22.91
N SER B 135 -1.66 -8.79 -23.17
CA SER B 135 -1.37 -7.82 -22.13
C SER B 135 -2.26 -6.60 -22.24
N VAL B 136 -2.92 -6.24 -21.14
CA VAL B 136 -3.77 -5.12 -21.03
C VAL B 136 -3.17 -4.12 -20.05
N ILE B 137 -3.03 -2.88 -20.44
CA ILE B 137 -2.55 -1.80 -19.59
C ILE B 137 -3.64 -0.80 -19.40
N LEU B 138 -3.90 -0.40 -18.15
CA LEU B 138 -4.87 0.61 -17.78
C LEU B 138 -4.20 1.87 -17.32
N THR B 139 -4.66 3.03 -17.63
CA THR B 139 -4.10 4.26 -17.15
C THR B 139 -4.82 4.69 -15.89
N SER B 140 -4.15 4.57 -14.77
CA SER B 140 -4.61 5.16 -13.52
C SER B 140 -3.92 6.53 -13.40
N SER B 141 -3.54 6.95 -12.20
CA SER B 141 -2.88 8.24 -11.96
C SER B 141 -2.35 8.18 -10.52
N VAL B 142 -1.34 8.97 -10.24
CA VAL B 142 -0.95 9.28 -8.88
C VAL B 142 -2.12 9.82 -8.09
N ALA B 143 -3.06 10.49 -8.76
CA ALA B 143 -4.25 11.03 -8.11
C ALA B 143 -5.00 9.95 -7.38
N GLY B 144 -4.94 8.71 -7.89
CA GLY B 144 -5.66 7.60 -7.27
C GLY B 144 -5.21 7.20 -5.86
N VAL B 145 -4.09 7.74 -5.43
CA VAL B 145 -3.55 7.49 -4.06
C VAL B 145 -3.28 8.77 -3.24
N LEU B 146 -3.75 9.91 -3.75
CA LEU B 146 -3.50 11.24 -3.13
C LEU B 146 -4.82 11.89 -2.77
N GLY B 147 -4.71 12.97 -1.98
CA GLY B 147 -5.82 13.82 -1.61
C GLY B 147 -5.60 15.21 -2.14
N LEU B 148 -5.82 15.35 -3.41
CA LEU B 148 -5.62 16.65 -4.09
C LEU B 148 -6.84 17.50 -4.13
N GLN B 149 -6.63 18.79 -3.78
CA GLN B 149 -7.67 19.77 -3.76
C GLN B 149 -8.37 19.80 -5.15
N ALA B 150 -9.69 19.69 -5.15
CA ALA B 150 -10.54 19.78 -6.33
C ALA B 150 -10.36 18.70 -7.37
N HIS B 151 -9.74 17.56 -6.94
CA HIS B 151 -9.68 16.42 -7.81
C HIS B 151 -10.60 15.30 -7.36
N ASP B 152 -11.68 15.65 -6.68
CA ASP B 152 -12.57 14.64 -6.05
C ASP B 152 -12.94 13.50 -6.98
N THR B 153 -13.59 13.80 -8.10
CA THR B 153 -14.09 12.77 -8.96
C THR B 153 -12.99 12.13 -9.78
N TYR B 154 -12.04 12.87 -10.27
CA TYR B 154 -10.96 12.33 -11.06
C TYR B 154 -10.15 11.29 -10.26
N SER B 155 -9.78 11.66 -9.05
CA SER B 155 -8.99 10.80 -8.21
C SER B 155 -9.73 9.53 -7.86
N ALA B 156 -11.01 9.67 -7.54
CA ALA B 156 -11.80 8.55 -7.24
C ALA B 156 -11.95 7.59 -8.42
N ALA B 157 -12.20 8.20 -9.62
CA ALA B 157 -12.28 7.40 -10.80
C ALA B 157 -10.96 6.66 -11.09
N LYS B 158 -9.83 7.32 -10.94
CA LYS B 158 -8.54 6.66 -11.18
C LYS B 158 -8.25 5.56 -10.14
N ALA B 159 -8.76 5.69 -8.92
CA ALA B 159 -8.67 4.62 -7.96
C ALA B 159 -9.52 3.44 -8.43
N ALA B 160 -10.70 3.73 -8.96
CA ALA B 160 -11.52 2.65 -9.52
C ALA B 160 -10.78 1.90 -10.65
N VAL B 161 -10.06 2.64 -11.48
CA VAL B 161 -9.32 2.03 -12.57
C VAL B 161 -8.29 1.07 -12.03
N ARG B 162 -7.56 1.46 -10.99
CA ARG B 162 -6.53 0.59 -10.44
C ARG B 162 -7.15 -0.69 -9.88
N SER B 163 -8.31 -0.55 -9.22
CA SER B 163 -9.05 -1.72 -8.74
C SER B 163 -9.37 -2.74 -9.86
N LEU B 164 -9.84 -2.20 -10.96
CA LEU B 164 -10.21 -3.09 -12.06
C LEU B 164 -9.02 -3.86 -12.52
N ALA B 165 -7.76 -3.38 -12.45
CA ALA B 165 -6.64 -4.21 -12.79
C ALA B 165 -6.54 -5.45 -11.92
N ARG B 166 -6.89 -5.28 -10.63
CA ARG B 166 -6.89 -6.41 -9.71
C ARG B 166 -7.96 -7.45 -10.10
N THR B 167 -9.17 -6.95 -10.24
CA THR B 167 -10.30 -7.87 -10.56
C THR B 167 -10.05 -8.60 -11.89
N TRP B 168 -9.60 -7.89 -12.86
CA TRP B 168 -9.40 -8.49 -14.20
C TRP B 168 -8.23 -9.43 -14.20
N THR B 169 -7.25 -9.26 -13.33
CA THR B 169 -6.18 -10.21 -13.20
C THR B 169 -6.79 -11.49 -12.78
N THR B 170 -7.67 -11.50 -11.80
CA THR B 170 -8.37 -12.72 -11.36
C THR B 170 -9.22 -13.30 -12.50
N GLU B 171 -10.00 -12.46 -13.12
CA GLU B 171 -11.00 -12.99 -14.08
C GLU B 171 -10.35 -13.51 -15.31
N LEU B 172 -9.20 -12.94 -15.74
CA LEU B 172 -8.60 -13.30 -17.01
C LEU B 172 -7.39 -14.25 -16.91
N LYS B 173 -7.08 -14.72 -15.69
CA LYS B 173 -5.97 -15.56 -15.49
C LYS B 173 -6.08 -16.88 -16.27
N GLY B 174 -7.27 -17.39 -16.41
CA GLY B 174 -7.41 -18.68 -17.19
C GLY B 174 -7.02 -18.57 -18.62
N ARG B 175 -7.02 -17.36 -19.16
CA ARG B 175 -6.56 -17.08 -20.49
C ARG B 175 -5.11 -16.57 -20.51
N SER B 176 -4.48 -16.45 -19.34
CA SER B 176 -3.11 -16.00 -19.21
C SER B 176 -2.94 -14.58 -19.69
N ILE B 177 -4.03 -13.81 -19.61
CA ILE B 177 -3.98 -12.44 -20.01
C ILE B 177 -3.56 -11.62 -18.76
N ARG B 178 -2.51 -10.81 -18.91
CA ARG B 178 -2.05 -9.95 -17.80
C ARG B 178 -2.67 -8.62 -17.91
N VAL B 179 -3.10 -8.07 -16.76
CA VAL B 179 -3.70 -6.76 -16.63
C VAL B 179 -2.91 -5.96 -15.55
N ASN B 180 -2.41 -4.81 -15.94
CA ASN B 180 -1.60 -3.93 -15.03
C ASN B 180 -2.01 -2.54 -15.22
N ALA B 181 -1.89 -1.70 -14.19
CA ALA B 181 -2.11 -0.31 -14.23
C ALA B 181 -0.85 0.48 -14.25
N VAL B 182 -0.76 1.54 -15.04
CA VAL B 182 0.23 2.52 -14.98
C VAL B 182 -0.33 3.77 -14.35
N SER B 183 0.39 4.37 -13.40
CA SER B 183 -0.01 5.57 -12.69
C SER B 183 0.98 6.70 -12.89
N PRO B 184 0.77 7.47 -13.95
CA PRO B 184 1.66 8.61 -14.19
C PRO B 184 1.52 9.68 -13.18
N GLY B 185 2.65 10.38 -12.97
CA GLY B 185 2.68 11.60 -12.25
C GLY B 185 2.47 12.74 -13.25
N ALA B 186 3.20 13.79 -13.07
CA ALA B 186 3.15 14.92 -13.97
C ALA B 186 3.92 14.59 -15.25
N ILE B 187 3.22 14.73 -16.37
CA ILE B 187 3.79 14.51 -17.70
C ILE B 187 3.62 15.82 -18.52
N ASP B 188 4.66 16.20 -19.24
CA ASP B 188 4.70 17.42 -20.07
C ASP B 188 3.65 17.43 -21.16
N ALA B 211 8.14 20.23 -8.22
CA ALA B 211 8.76 20.60 -6.93
C ALA B 211 8.70 19.51 -5.88
N ALA B 212 7.63 18.72 -5.86
CA ALA B 212 7.47 17.64 -4.85
C ALA B 212 8.06 16.31 -5.35
N THR B 213 8.51 16.31 -6.58
CA THR B 213 9.01 15.09 -7.22
C THR B 213 10.51 14.99 -7.03
N PRO B 214 11.01 13.88 -6.45
CA PRO B 214 12.43 13.68 -6.35
C PRO B 214 13.24 13.95 -7.60
N LEU B 215 12.78 13.45 -8.75
CA LEU B 215 13.54 13.71 -9.97
C LEU B 215 13.55 15.16 -10.40
N GLY B 216 12.69 15.97 -9.82
CA GLY B 216 12.79 17.45 -9.93
C GLY B 216 12.33 18.00 -11.24
N ARG B 217 11.50 17.24 -11.96
CA ARG B 217 11.01 17.62 -13.28
C ARG B 217 9.76 16.88 -13.60
N VAL B 218 9.02 17.30 -14.62
CA VAL B 218 7.95 16.53 -15.19
C VAL B 218 8.53 15.42 -16.07
N GLY B 219 7.72 14.41 -16.22
CA GLY B 219 8.05 13.32 -17.10
C GLY B 219 7.79 13.66 -18.57
N ARG B 220 8.57 13.07 -19.46
CA ARG B 220 8.32 13.19 -20.89
C ARG B 220 7.31 12.11 -21.29
N PRO B 221 6.40 12.37 -22.28
CA PRO B 221 5.52 11.32 -22.74
C PRO B 221 6.23 10.03 -23.15
N GLU B 222 7.40 10.14 -23.74
CA GLU B 222 8.16 8.93 -24.15
C GLU B 222 8.61 8.06 -22.97
N GLU B 223 8.77 8.67 -21.81
CA GLU B 223 9.15 7.91 -20.58
C GLU B 223 7.95 7.16 -20.09
N LEU B 224 6.75 7.72 -20.21
CA LEU B 224 5.54 6.94 -19.91
C LEU B 224 5.32 5.82 -20.90
N ALA B 225 5.50 6.12 -22.21
CA ALA B 225 5.39 5.09 -23.22
C ALA B 225 6.35 3.92 -22.99
N ALA B 226 7.56 4.19 -22.50
CA ALA B 226 8.56 3.14 -22.22
C ALA B 226 8.13 2.23 -21.13
N ALA B 227 7.50 2.81 -20.09
CA ALA B 227 6.91 1.98 -19.02
C ALA B 227 5.74 1.16 -19.47
N VAL B 228 4.86 1.75 -20.29
CA VAL B 228 3.79 0.96 -20.93
C VAL B 228 4.34 -0.15 -21.80
N LEU B 229 5.42 0.14 -22.55
CA LEU B 229 6.08 -0.89 -23.32
C LEU B 229 6.57 -2.06 -22.47
N PHE B 230 7.12 -1.75 -21.25
CA PHE B 230 7.53 -2.79 -20.40
C PHE B 230 6.37 -3.74 -20.13
N LEU B 231 5.24 -3.19 -19.72
CA LEU B 231 4.02 -3.97 -19.39
C LEU B 231 3.43 -4.71 -20.60
N ALA B 232 3.61 -4.14 -21.78
CA ALA B 232 3.09 -4.77 -23.00
C ALA B 232 3.95 -5.92 -23.45
N SER B 233 5.26 -5.80 -23.16
CA SER B 233 6.29 -6.68 -23.63
C SER B 233 6.45 -7.94 -22.79
N ASP B 234 7.16 -8.97 -23.27
CA ASP B 234 7.43 -10.16 -22.56
C ASP B 234 8.38 -9.97 -21.37
N ASP B 235 9.07 -8.83 -21.32
CA ASP B 235 9.91 -8.54 -20.15
C ASP B 235 9.09 -8.57 -18.88
N SER B 236 7.82 -8.25 -18.96
CA SER B 236 6.94 -8.23 -17.76
C SER B 236 6.05 -9.48 -17.66
N SER B 237 6.51 -10.60 -18.21
CA SER B 237 5.71 -11.79 -18.21
C SER B 237 5.31 -12.36 -16.91
N TYR B 238 6.01 -12.00 -15.81
CA TYR B 238 5.63 -12.44 -14.45
C TYR B 238 5.07 -11.27 -13.65
N VAL B 239 4.62 -10.22 -14.29
CA VAL B 239 4.07 -9.06 -13.67
C VAL B 239 2.57 -8.95 -13.91
N ALA B 240 1.74 -8.93 -12.87
CA ALA B 240 0.31 -9.04 -13.01
C ALA B 240 -0.38 -8.31 -11.91
N GLY B 241 -1.40 -7.53 -12.24
CA GLY B 241 -2.22 -6.81 -11.27
C GLY B 241 -1.61 -5.57 -10.62
N ILE B 242 -0.45 -5.19 -11.06
CA ILE B 242 0.28 -4.14 -10.36
C ILE B 242 -0.16 -2.78 -10.66
N GLU B 243 0.29 -1.80 -9.85
CA GLU B 243 0.21 -0.36 -10.05
C GLU B 243 1.64 0.15 -10.22
N LEU B 244 2.07 0.43 -11.43
CA LEU B 244 3.40 0.93 -11.76
C LEU B 244 3.37 2.43 -11.76
N PHE B 245 3.94 3.01 -10.70
CA PHE B 245 4.04 4.48 -10.60
C PHE B 245 5.18 4.96 -11.49
N VAL B 246 4.84 5.95 -12.33
CA VAL B 246 5.82 6.57 -13.24
C VAL B 246 5.73 8.06 -12.97
N ASP B 247 6.37 8.42 -11.87
CA ASP B 247 6.12 9.75 -11.28
C ASP B 247 7.36 10.39 -10.70
N GLY B 248 8.54 9.93 -11.08
CA GLY B 248 9.75 10.49 -10.58
C GLY B 248 9.93 10.44 -9.09
N GLY B 249 9.17 9.52 -8.43
CA GLY B 249 9.22 9.32 -6.98
C GLY B 249 8.17 10.01 -6.17
N LEU B 250 7.32 10.82 -6.82
CA LEU B 250 6.37 11.68 -6.11
C LEU B 250 5.61 10.99 -4.99
N THR B 251 5.02 9.88 -5.29
CA THR B 251 4.18 9.17 -4.34
C THR B 251 4.95 8.17 -3.45
N GLN B 252 6.27 8.02 -3.64
CA GLN B 252 7.05 6.97 -3.03
C GLN B 252 7.89 7.41 -1.85
N VAL B 253 7.95 8.74 -1.66
CA VAL B 253 8.78 9.27 -0.57
C VAL B 253 7.99 10.16 0.41
N GLY C 2 13.56 2.59 -34.61
CA GLY C 2 13.68 1.12 -34.31
C GLY C 2 14.16 0.81 -32.87
N PRO C 3 14.22 -0.47 -32.51
CA PRO C 3 14.70 -0.90 -31.19
C PRO C 3 16.23 -0.69 -30.94
N ALA C 4 16.72 -0.84 -29.71
CA ALA C 4 18.22 -0.94 -29.50
C ALA C 4 18.64 -2.40 -29.44
N MET C 5 19.68 -2.78 -30.19
CA MET C 5 20.15 -4.14 -30.02
C MET C 5 20.66 -4.33 -28.60
N TYR C 6 21.41 -3.36 -28.13
CA TYR C 6 22.08 -3.49 -26.84
C TYR C 6 21.51 -2.43 -25.88
N ARG C 7 20.50 -2.80 -25.06
CA ARG C 7 19.81 -1.82 -24.20
C ARG C 7 20.68 -1.28 -23.06
N LEU C 8 21.78 -1.96 -22.75
CA LEU C 8 22.75 -1.46 -21.75
C LEU C 8 24.14 -1.30 -22.37
N LEU C 9 24.16 -0.86 -23.62
CA LEU C 9 25.43 -0.68 -24.35
C LEU C 9 26.55 0.13 -23.61
N ASN C 10 27.59 -0.59 -23.33
CA ASN C 10 28.82 -0.02 -22.68
C ASN C 10 28.59 0.41 -21.24
N LYS C 11 27.49 -0.03 -20.69
CA LYS C 11 27.23 0.28 -19.26
C LYS C 11 27.98 -0.69 -18.42
N THR C 12 28.38 -0.27 -17.22
CA THR C 12 29.00 -1.11 -16.23
C THR C 12 28.02 -1.40 -15.10
N ALA C 13 27.84 -2.69 -14.81
CA ALA C 13 26.95 -3.14 -13.74
C ALA C 13 27.74 -3.95 -12.69
N VAL C 14 27.32 -3.79 -11.44
CA VAL C 14 27.79 -4.58 -10.33
C VAL C 14 26.60 -5.31 -9.75
N ILE C 15 26.68 -6.65 -9.65
CA ILE C 15 25.60 -7.49 -9.14
C ILE C 15 26.11 -8.31 -8.01
N THR C 16 25.59 -8.06 -6.83
CA THR C 16 25.93 -8.87 -5.70
C THR C 16 24.98 -10.04 -5.69
N GLY C 17 25.40 -11.13 -5.06
CA GLY C 17 24.65 -12.38 -5.24
C GLY C 17 24.65 -12.87 -6.68
N GLY C 18 25.68 -12.58 -7.46
CA GLY C 18 25.69 -12.78 -8.90
C GLY C 18 26.04 -14.21 -9.28
N ASN C 19 26.28 -15.05 -8.27
CA ASN C 19 26.79 -16.36 -8.44
C ASN C 19 25.66 -17.38 -8.70
N SER C 20 24.41 -16.98 -8.45
CA SER C 20 23.32 -17.95 -8.63
C SER C 20 21.97 -17.21 -8.69
N GLY C 21 20.91 -17.97 -9.00
CA GLY C 21 19.57 -17.51 -8.92
C GLY C 21 19.29 -16.26 -9.77
N ILE C 22 18.57 -15.33 -9.17
CA ILE C 22 18.18 -14.14 -9.85
CA ILE C 22 18.20 -14.14 -9.82
C ILE C 22 19.43 -13.32 -10.24
N GLY C 23 20.45 -13.30 -9.41
CA GLY C 23 21.67 -12.47 -9.70
C GLY C 23 22.31 -13.01 -10.97
N LEU C 24 22.46 -14.31 -11.08
CA LEU C 24 23.05 -14.95 -12.21
C LEU C 24 22.20 -14.70 -13.48
N ALA C 25 20.86 -14.87 -13.36
CA ALA C 25 20.00 -14.66 -14.56
C ALA C 25 20.11 -13.20 -15.03
N THR C 26 20.20 -12.29 -14.05
CA THR C 26 20.30 -10.88 -14.37
C THR C 26 21.65 -10.62 -15.04
N ALA C 27 22.75 -11.19 -14.55
CA ALA C 27 24.06 -11.00 -15.18
C ALA C 27 23.99 -11.47 -16.63
N LYS C 28 23.38 -12.61 -16.85
CA LYS C 28 23.26 -13.10 -18.23
C LYS C 28 22.53 -12.13 -19.11
N ARG C 29 21.37 -11.64 -18.67
CA ARG C 29 20.60 -10.71 -19.49
C ARG C 29 21.33 -9.43 -19.71
N PHE C 30 21.96 -8.93 -18.65
CA PHE C 30 22.69 -7.68 -18.79
C PHE C 30 23.83 -7.80 -19.85
N VAL C 31 24.56 -8.90 -19.78
CA VAL C 31 25.64 -9.16 -20.78
C VAL C 31 24.97 -9.21 -22.21
N ALA C 32 23.85 -9.94 -22.32
CA ALA C 32 23.16 -9.99 -23.62
C ALA C 32 22.83 -8.62 -24.15
N GLU C 33 22.50 -7.66 -23.24
CA GLU C 33 22.21 -6.29 -23.54
C GLU C 33 23.39 -5.34 -23.64
N GLY C 34 24.58 -5.90 -23.62
CA GLY C 34 25.79 -5.15 -23.86
C GLY C 34 26.55 -4.60 -22.68
N ALA C 35 26.08 -4.89 -21.49
CA ALA C 35 26.77 -4.41 -20.28
C ALA C 35 28.01 -5.22 -20.02
N TYR C 36 28.94 -4.60 -19.28
CA TYR C 36 30.05 -5.27 -18.64
C TYR C 36 29.63 -5.48 -17.18
N VAL C 37 29.72 -6.69 -16.70
CA VAL C 37 29.21 -7.05 -15.36
C VAL C 37 30.27 -7.56 -14.43
N PHE C 38 30.27 -7.04 -13.19
CA PHE C 38 30.93 -7.66 -12.10
C PHE C 38 29.96 -8.51 -11.29
N ILE C 39 30.20 -9.78 -11.11
CA ILE C 39 29.41 -10.63 -10.25
C ILE C 39 30.17 -10.87 -8.97
N VAL C 40 29.48 -10.73 -7.86
CA VAL C 40 30.09 -10.77 -6.53
C VAL C 40 29.43 -11.91 -5.76
N GLY C 41 30.23 -12.66 -5.05
CA GLY C 41 29.75 -13.75 -4.22
C GLY C 41 30.83 -14.18 -3.26
N ARG C 42 30.47 -15.07 -2.34
CA ARG C 42 31.42 -15.52 -1.29
C ARG C 42 32.29 -16.66 -1.71
N ARG C 43 31.78 -17.54 -2.56
CA ARG C 43 32.57 -18.74 -2.94
C ARG C 43 33.15 -18.71 -4.33
N ARG C 44 34.49 -18.79 -4.41
CA ARG C 44 35.25 -18.71 -5.63
C ARG C 44 34.76 -19.73 -6.67
N LYS C 45 34.56 -20.97 -6.26
CA LYS C 45 34.23 -22.00 -7.24
C LYS C 45 32.87 -21.77 -7.93
N GLU C 46 31.84 -21.49 -7.12
CA GLU C 46 30.54 -21.17 -7.68
C GLU C 46 30.61 -19.86 -8.53
N LEU C 47 31.36 -18.85 -8.12
CA LEU C 47 31.55 -17.66 -8.94
C LEU C 47 32.16 -17.94 -10.26
N GLU C 48 33.17 -18.84 -10.28
CA GLU C 48 33.85 -19.13 -11.55
C GLU C 48 32.94 -19.89 -12.49
N GLN C 49 32.17 -20.80 -11.94
CA GLN C 49 31.16 -21.50 -12.75
C GLN C 49 30.13 -20.53 -13.32
N ALA C 50 29.63 -19.63 -12.46
CA ALA C 50 28.69 -18.62 -12.95
C ALA C 50 29.28 -17.74 -14.08
N ALA C 51 30.52 -17.26 -13.87
CA ALA C 51 31.19 -16.48 -14.90
C ALA C 51 31.33 -17.24 -16.23
N ALA C 52 31.64 -18.55 -16.09
CA ALA C 52 31.73 -19.36 -17.31
C ALA C 52 30.41 -19.51 -18.00
N GLU C 53 29.31 -19.66 -17.28
CA GLU C 53 27.98 -19.73 -17.88
C GLU C 53 27.60 -18.43 -18.59
N ILE C 54 27.90 -17.26 -17.97
CA ILE C 54 27.63 -15.98 -18.55
C ILE C 54 28.47 -15.86 -19.84
N GLY C 55 29.70 -16.21 -19.71
CA GLY C 55 30.55 -16.52 -20.89
C GLY C 55 31.38 -15.46 -21.47
N ARG C 56 31.11 -14.18 -21.20
CA ARG C 56 31.84 -13.03 -21.73
C ARG C 56 31.46 -11.79 -20.98
N ASN C 57 32.30 -10.74 -21.02
N ASN C 57 32.31 -10.76 -20.99
CA ASN C 57 32.04 -9.42 -20.48
CA ASN C 57 32.03 -9.44 -20.49
C ASN C 57 31.70 -9.47 -18.97
C ASN C 57 31.68 -9.48 -18.98
N VAL C 58 32.34 -10.37 -18.26
CA VAL C 58 32.13 -10.55 -16.82
C VAL C 58 33.39 -10.70 -16.06
N THR C 59 33.54 -10.00 -14.93
CA THR C 59 34.57 -10.25 -13.94
C THR C 59 33.92 -10.75 -12.66
N ALA C 60 34.36 -11.89 -12.14
CA ALA C 60 33.93 -12.40 -10.85
C ALA C 60 34.82 -11.87 -9.73
N VAL C 61 34.19 -11.38 -8.69
CA VAL C 61 34.90 -10.85 -7.51
C VAL C 61 34.43 -11.60 -6.27
N LYS C 62 35.34 -12.32 -5.58
CA LYS C 62 35.02 -12.99 -4.34
C LYS C 62 34.97 -11.95 -3.24
N ALA C 63 33.86 -11.91 -2.53
CA ALA C 63 33.69 -10.92 -1.47
C ALA C 63 32.56 -11.36 -0.63
N ASP C 64 32.69 -11.15 0.67
CA ASP C 64 31.60 -11.24 1.62
C ASP C 64 31.09 -9.85 1.84
N VAL C 65 29.89 -9.54 1.32
CA VAL C 65 29.40 -8.16 1.38
C VAL C 65 29.02 -7.69 2.75
N THR C 66 28.99 -8.58 3.71
CA THR C 66 28.87 -8.19 5.11
C THR C 66 30.15 -7.67 5.71
N LYS C 67 31.26 -7.79 4.98
CA LYS C 67 32.59 -7.37 5.50
C LYS C 67 33.07 -6.16 4.81
N LEU C 68 33.20 -5.08 5.54
CA LEU C 68 33.54 -3.81 4.99
C LEU C 68 34.82 -3.84 4.19
N GLU C 69 35.84 -4.55 4.68
CA GLU C 69 37.08 -4.63 3.97
C GLU C 69 36.91 -5.34 2.59
N ASP C 70 36.04 -6.36 2.52
CA ASP C 70 35.77 -7.06 1.23
C ASP C 70 35.09 -6.09 0.24
N LEU C 71 34.22 -5.24 0.73
CA LEU C 71 33.62 -4.21 -0.10
C LEU C 71 34.65 -3.19 -0.62
N ASP C 72 35.58 -2.80 0.27
CA ASP C 72 36.60 -1.89 -0.19
C ASP C 72 37.44 -2.51 -1.34
N ARG C 73 37.74 -3.81 -1.21
CA ARG C 73 38.50 -4.50 -2.19
C ARG C 73 37.73 -4.59 -3.53
N LEU C 74 36.44 -4.94 -3.41
CA LEU C 74 35.58 -4.92 -4.56
C LEU C 74 35.68 -3.62 -5.35
N TYR C 75 35.43 -2.50 -4.69
CA TYR C 75 35.31 -1.22 -5.37
C TYR C 75 36.67 -0.68 -5.89
N ALA C 76 37.77 -1.11 -5.25
CA ALA C 76 39.09 -0.87 -5.86
C ALA C 76 39.23 -1.56 -7.23
N ILE C 77 38.76 -2.80 -7.30
CA ILE C 77 38.78 -3.55 -8.52
C ILE C 77 37.90 -2.93 -9.58
N VAL C 78 36.67 -2.54 -9.20
CA VAL C 78 35.76 -1.94 -10.13
C VAL C 78 36.33 -0.63 -10.69
N ARG C 79 36.84 0.21 -9.80
CA ARG C 79 37.35 1.47 -10.22
C ARG C 79 38.52 1.25 -11.24
N GLU C 80 39.45 0.38 -10.89
CA GLU C 80 40.59 0.12 -11.78
C GLU C 80 40.16 -0.37 -13.13
N GLN C 81 39.31 -1.40 -13.15
CA GLN C 81 38.92 -2.03 -14.40
C GLN C 81 37.96 -1.25 -15.28
N ARG C 82 36.97 -0.59 -14.68
CA ARG C 82 35.90 0.07 -15.44
C ARG C 82 35.64 1.53 -15.11
N GLY C 83 36.24 2.00 -14.03
CA GLY C 83 36.15 3.40 -13.71
C GLY C 83 34.97 3.84 -12.89
N SER C 84 33.79 3.44 -13.32
CA SER C 84 32.57 3.95 -12.70
C SER C 84 31.44 2.94 -12.93
N ILE C 85 30.40 3.08 -12.13
CA ILE C 85 29.25 2.17 -12.11
C ILE C 85 28.02 2.84 -12.65
N ASP C 86 27.33 2.21 -13.65
CA ASP C 86 26.07 2.69 -14.14
C ASP C 86 24.84 2.06 -13.46
N VAL C 87 24.99 0.80 -13.09
CA VAL C 87 23.90 0.03 -12.52
C VAL C 87 24.51 -0.80 -11.37
N LEU C 88 23.81 -0.69 -10.21
CA LEU C 88 24.13 -1.54 -9.03
C LEU C 88 22.89 -2.30 -8.63
N PHE C 89 22.99 -3.63 -8.76
CA PHE C 89 21.95 -4.52 -8.32
C PHE C 89 22.45 -5.19 -7.07
N ALA C 90 21.94 -4.62 -5.97
CA ALA C 90 22.30 -5.04 -4.57
C ALA C 90 21.33 -6.13 -4.24
N ASN C 91 21.72 -7.32 -4.58
CA ASN C 91 20.99 -8.54 -4.54
C ASN C 91 21.36 -9.70 -3.58
N SER C 92 21.56 -9.22 -2.39
N SER C 92 22.35 -9.53 -2.76
CA SER C 92 21.83 -10.08 -1.29
CA SER C 92 22.51 -10.57 -1.68
C SER C 92 20.61 -10.75 -0.84
C SER C 92 21.28 -10.65 -0.63
N GLY C 93 20.85 -11.89 -0.27
CA GLY C 93 19.73 -12.36 0.46
C GLY C 93 19.72 -13.84 0.82
N ALA C 94 19.16 -14.12 1.96
CA ALA C 94 19.06 -15.48 2.43
C ALA C 94 17.92 -15.56 3.40
N ILE C 95 17.24 -16.69 3.32
CA ILE C 95 16.15 -17.01 4.19
C ILE C 95 16.41 -18.30 5.01
N GLU C 96 16.09 -18.26 6.30
CA GLU C 96 16.00 -19.38 7.11
C GLU C 96 14.68 -19.23 7.82
N GLN C 97 13.88 -20.25 7.82
CA GLN C 97 12.61 -20.23 8.49
C GLN C 97 12.74 -20.50 9.97
N LYS C 98 12.20 -19.59 10.76
CA LYS C 98 12.13 -19.75 12.21
C LYS C 98 10.86 -19.03 12.67
N THR C 99 10.01 -19.66 13.45
CA THR C 99 8.93 -18.94 14.14
C THR C 99 9.41 -18.06 15.25
N LEU C 100 8.56 -17.17 15.74
CA LEU C 100 8.93 -16.25 16.81
C LEU C 100 9.53 -16.98 18.03
N GLU C 101 8.90 -18.08 18.41
CA GLU C 101 9.35 -18.85 19.54
C GLU C 101 10.73 -19.42 19.35
N GLU C 102 11.05 -19.72 18.10
CA GLU C 102 12.32 -20.34 17.76
C GLU C 102 13.48 -19.36 17.54
N ILE C 103 13.24 -18.07 17.36
CA ILE C 103 14.28 -17.16 16.97
C ILE C 103 15.38 -17.09 18.03
N THR C 104 16.63 -17.23 17.59
CA THR C 104 17.79 -16.98 18.45
C THR C 104 18.48 -15.73 18.01
N PRO C 105 19.34 -15.16 18.85
CA PRO C 105 20.13 -14.04 18.43
C PRO C 105 20.92 -14.33 17.12
N GLU C 106 21.52 -15.50 17.06
CA GLU C 106 22.35 -15.86 15.89
C GLU C 106 21.52 -15.82 14.61
N HIS C 107 20.31 -16.36 14.67
CA HIS C 107 19.41 -16.39 13.49
C HIS C 107 19.04 -14.97 13.08
N TYR C 108 18.70 -14.11 14.05
CA TYR C 108 18.46 -12.70 13.82
C TYR C 108 19.61 -12.02 13.14
N ASP C 109 20.81 -12.23 13.71
CA ASP C 109 21.93 -11.49 13.21
C ASP C 109 22.31 -11.93 11.80
N ARG C 110 22.26 -13.20 11.53
CA ARG C 110 22.57 -13.69 10.18
C ARG C 110 21.59 -13.15 9.19
N THR C 111 20.32 -13.15 9.52
CA THR C 111 19.29 -12.62 8.58
C THR C 111 19.45 -11.17 8.30
N PHE C 112 19.63 -10.35 9.33
CA PHE C 112 19.78 -8.94 9.12
C PHE C 112 21.14 -8.54 8.52
N ASP C 113 22.20 -9.26 8.91
CA ASP C 113 23.53 -8.93 8.40
C ASP C 113 23.56 -9.09 6.87
N VAL C 114 23.00 -10.17 6.39
CA VAL C 114 23.04 -10.41 4.92
CA VAL C 114 23.03 -10.43 4.92
C VAL C 114 22.05 -9.50 4.21
N ASN C 115 20.82 -9.43 4.72
CA ASN C 115 19.79 -8.70 3.98
C ASN C 115 19.80 -7.17 4.12
N VAL C 116 20.29 -6.64 5.25
CA VAL C 116 20.21 -5.28 5.51
C VAL C 116 21.59 -4.67 5.70
N ARG C 117 22.36 -5.11 6.72
CA ARG C 117 23.67 -4.48 6.93
C ARG C 117 24.52 -4.56 5.66
N GLY C 118 24.60 -5.72 5.07
CA GLY C 118 25.38 -5.94 3.85
C GLY C 118 24.94 -5.01 2.73
N LEU C 119 23.64 -4.84 2.61
CA LEU C 119 23.08 -3.98 1.59
C LEU C 119 23.46 -2.53 1.82
N ILE C 120 23.29 -2.00 3.04
CA ILE C 120 23.59 -0.65 3.31
C ILE C 120 25.06 -0.33 2.92
N PHE C 121 25.97 -1.18 3.37
CA PHE C 121 27.37 -0.90 3.12
C PHE C 121 27.79 -1.11 1.67
N THR C 122 27.07 -2.03 0.98
CA THR C 122 27.28 -2.23 -0.48
C THR C 122 27.01 -0.91 -1.17
N VAL C 123 25.85 -0.30 -0.90
CA VAL C 123 25.46 0.93 -1.58
C VAL C 123 26.32 2.09 -1.12
N GLN C 124 26.55 2.25 0.20
CA GLN C 124 27.39 3.34 0.68
C GLN C 124 28.73 3.39 -0.06
N LYS C 125 29.35 2.24 -0.19
CA LYS C 125 30.72 2.18 -0.71
C LYS C 125 30.75 2.24 -2.18
N ALA C 126 29.61 2.00 -2.85
CA ALA C 126 29.51 2.23 -4.28
C ALA C 126 29.37 3.72 -4.63
N LEU C 127 28.89 4.56 -3.72
CA LEU C 127 28.53 5.94 -4.04
C LEU C 127 29.57 6.75 -4.81
N PRO C 128 30.85 6.70 -4.39
CA PRO C 128 31.82 7.54 -5.12
C PRO C 128 32.01 7.18 -6.55
N LEU C 129 31.69 5.94 -6.88
CA LEU C 129 31.81 5.42 -8.26
C LEU C 129 30.54 5.45 -9.10
N LEU C 130 29.39 5.67 -8.49
CA LEU C 130 28.14 5.69 -9.22
C LEU C 130 28.04 6.88 -10.08
N ARG C 131 27.74 6.70 -11.35
CA ARG C 131 27.50 7.85 -12.25
C ARG C 131 26.20 8.54 -11.92
N ASP C 132 26.15 9.87 -12.03
CA ASP C 132 24.92 10.57 -11.94
C ASP C 132 23.99 10.05 -13.07
N GLY C 133 22.71 9.91 -12.73
CA GLY C 133 21.72 9.31 -13.67
C GLY C 133 21.71 7.78 -13.64
N GLY C 134 22.54 7.17 -12.82
CA GLY C 134 22.65 5.73 -12.68
C GLY C 134 21.40 5.17 -11.97
N SER C 135 21.42 3.86 -11.91
CA SER C 135 20.25 3.08 -11.38
C SER C 135 20.69 2.04 -10.37
N VAL C 136 20.04 2.02 -9.20
CA VAL C 136 20.32 1.12 -8.14
C VAL C 136 19.03 0.31 -7.89
N ILE C 137 19.16 -1.01 -7.94
CA ILE C 137 18.04 -1.92 -7.74
C ILE C 137 18.35 -2.76 -6.50
N LEU C 138 17.34 -2.79 -5.61
CA LEU C 138 17.41 -3.52 -4.32
C LEU C 138 16.51 -4.75 -4.42
N THR C 139 16.87 -5.87 -3.87
CA THR C 139 16.00 -7.02 -3.82
C THR C 139 15.23 -7.05 -2.54
N SER C 140 13.94 -6.79 -2.59
CA SER C 140 13.01 -6.99 -1.48
C SER C 140 12.38 -8.40 -1.71
N SER C 141 11.11 -8.52 -1.42
CA SER C 141 10.39 -9.81 -1.54
C SER C 141 8.89 -9.53 -1.30
N VAL C 142 7.99 -10.34 -1.90
CA VAL C 142 6.65 -10.37 -1.47
C VAL C 142 6.53 -10.57 0.05
N ALA C 143 7.51 -11.27 0.64
CA ALA C 143 7.48 -11.49 2.08
C ALA C 143 7.42 -10.18 2.86
N GLY C 144 7.95 -9.13 2.27
CA GLY C 144 7.93 -7.83 2.88
C GLY C 144 6.59 -7.22 3.12
N VAL C 145 5.54 -7.72 2.48
CA VAL C 145 4.15 -7.25 2.63
C VAL C 145 3.14 -8.34 3.11
N LEU C 146 3.68 -9.51 3.46
CA LEU C 146 2.86 -10.64 3.84
C LEU C 146 3.06 -11.02 5.29
N GLY C 147 2.20 -11.92 5.80
CA GLY C 147 2.39 -12.49 7.13
C GLY C 147 2.54 -14.00 7.03
N LEU C 148 3.72 -14.42 6.66
CA LEU C 148 4.04 -15.83 6.32
C LEU C 148 4.60 -16.51 7.55
N GLN C 149 4.03 -17.65 7.88
CA GLN C 149 4.48 -18.47 9.00
C GLN C 149 5.98 -18.72 8.91
N ALA C 150 6.68 -18.45 10.03
CA ALA C 150 8.10 -18.75 10.18
C ALA C 150 9.04 -17.95 9.31
N HIS C 151 8.51 -16.84 8.75
CA HIS C 151 9.37 -15.88 7.98
C HIS C 151 9.63 -14.61 8.70
N ASP C 152 9.58 -14.65 10.04
CA ASP C 152 9.62 -13.43 10.84
C ASP C 152 10.74 -12.48 10.44
N THR C 153 11.99 -12.97 10.56
CA THR C 153 13.11 -12.08 10.33
C THR C 153 13.34 -11.76 8.86
N TYR C 154 13.14 -12.74 8.00
CA TYR C 154 13.33 -12.50 6.56
C TYR C 154 12.40 -11.43 6.04
N SER C 155 11.09 -11.57 6.38
CA SER C 155 10.10 -10.67 5.93
C SER C 155 10.37 -9.29 6.42
N ALA C 156 10.71 -9.18 7.74
CA ALA C 156 11.01 -7.91 8.31
C ALA C 156 12.25 -7.25 7.64
N ALA C 157 13.29 -8.05 7.39
CA ALA C 157 14.46 -7.54 6.70
C ALA C 157 14.15 -7.05 5.30
N LYS C 158 13.30 -7.78 4.62
CA LYS C 158 12.93 -7.35 3.25
C LYS C 158 12.06 -6.13 3.19
N ALA C 159 11.24 -5.89 4.25
CA ALA C 159 10.53 -4.68 4.43
C ALA C 159 11.50 -3.52 4.61
N ALA C 160 12.53 -3.76 5.44
CA ALA C 160 13.60 -2.75 5.60
C ALA C 160 14.30 -2.41 4.31
N VAL C 161 14.55 -3.41 3.48
CA VAL C 161 15.11 -3.13 2.15
C VAL C 161 14.27 -2.16 1.35
N ARG C 162 12.94 -2.46 1.28
CA ARG C 162 12.04 -1.62 0.50
C ARG C 162 12.06 -0.19 0.94
N SER C 163 12.10 -0.02 2.29
CA SER C 163 12.18 1.30 2.86
C SER C 163 13.42 2.05 2.38
N LEU C 164 14.54 1.38 2.36
CA LEU C 164 15.83 2.03 1.95
C LEU C 164 15.74 2.57 0.55
N ALA C 165 14.92 1.96 -0.35
CA ALA C 165 14.72 2.54 -1.65
C ALA C 165 14.07 3.90 -1.62
N ARG C 166 13.10 4.11 -0.70
CA ARG C 166 12.48 5.38 -0.53
C ARG C 166 13.51 6.41 -0.02
N THR C 167 14.19 6.05 1.03
CA THR C 167 15.14 7.01 1.66
C THR C 167 16.24 7.39 0.68
N TRP C 168 16.76 6.40 -0.04
CA TRP C 168 17.88 6.67 -0.92
C TRP C 168 17.44 7.44 -2.16
N THR C 169 16.18 7.29 -2.59
CA THR C 169 15.61 8.15 -3.61
C THR C 169 15.70 9.60 -3.20
N THR C 170 15.31 9.93 -1.97
CA THR C 170 15.45 11.31 -1.47
C THR C 170 16.91 11.72 -1.44
N GLU C 171 17.72 10.90 -0.83
CA GLU C 171 19.15 11.31 -0.60
C GLU C 171 19.89 11.52 -1.83
N LEU C 172 19.62 10.71 -2.84
CA LEU C 172 20.43 10.71 -4.06
C LEU C 172 19.81 11.49 -5.22
N LYS C 173 18.70 12.17 -5.02
CA LYS C 173 18.01 12.88 -6.07
C LYS C 173 18.85 14.00 -6.69
N GLY C 174 19.70 14.60 -5.92
CA GLY C 174 20.60 15.63 -6.49
C GLY C 174 21.54 15.13 -7.50
N ARG C 175 21.84 13.82 -7.48
CA ARG C 175 22.65 13.12 -8.44
C ARG C 175 21.82 12.40 -9.51
N SER C 176 20.49 12.54 -9.44
CA SER C 176 19.62 11.90 -10.41
C SER C 176 19.78 10.38 -10.44
N ILE C 177 20.16 9.77 -9.35
CA ILE C 177 20.32 8.32 -9.24
C ILE C 177 19.00 7.80 -8.79
N ARG C 178 18.44 6.88 -9.56
CA ARG C 178 17.16 6.25 -9.19
C ARG C 178 17.41 4.98 -8.45
N VAL C 179 16.62 4.85 -7.39
CA VAL C 179 16.72 3.68 -6.51
C VAL C 179 15.33 3.05 -6.40
N ASN C 180 15.24 1.78 -6.79
CA ASN C 180 13.97 1.09 -6.83
C ASN C 180 14.20 -0.31 -6.25
N ALA C 181 13.10 -0.86 -5.70
CA ALA C 181 13.09 -2.22 -5.19
C ALA C 181 12.31 -3.16 -6.11
N VAL C 182 12.83 -4.35 -6.29
N VAL C 182 12.85 -4.36 -6.33
CA VAL C 182 12.09 -5.41 -6.91
CA VAL C 182 12.05 -5.44 -6.91
C VAL C 182 11.68 -6.38 -5.85
C VAL C 182 11.66 -6.37 -5.82
N SER C 183 10.44 -6.85 -5.91
CA SER C 183 9.88 -7.75 -4.93
C SER C 183 9.41 -9.05 -5.62
N PRO C 184 10.31 -10.00 -5.73
CA PRO C 184 9.95 -11.30 -6.31
C PRO C 184 8.92 -12.02 -5.48
N GLY C 185 8.06 -12.76 -6.21
CA GLY C 185 7.31 -13.85 -5.61
C GLY C 185 8.11 -15.10 -5.57
N ALA C 186 7.42 -16.24 -5.69
CA ALA C 186 8.10 -17.51 -5.74
C ALA C 186 8.79 -17.70 -7.09
N ILE C 187 10.08 -18.04 -7.02
CA ILE C 187 10.93 -18.24 -8.19
C ILE C 187 11.45 -19.67 -8.19
N ASP C 188 11.48 -20.29 -9.37
CA ASP C 188 12.02 -21.67 -9.54
C ASP C 188 13.50 -21.76 -9.09
N GLU C 204 6.07 -28.00 -2.30
CA GLU C 204 5.08 -28.00 -1.24
C GLU C 204 4.73 -26.55 -0.82
N LEU C 205 5.73 -25.82 -0.31
CA LEU C 205 5.57 -24.36 -0.08
C LEU C 205 5.49 -23.64 -1.44
N ARG C 206 6.35 -24.07 -2.37
CA ARG C 206 6.36 -23.54 -3.73
C ARG C 206 5.01 -23.76 -4.41
N ALA C 207 4.42 -24.94 -4.19
CA ALA C 207 3.11 -25.31 -4.77
C ALA C 207 2.01 -24.48 -4.16
N LYS C 208 2.15 -24.19 -2.87
CA LYS C 208 1.19 -23.33 -2.16
C LYS C 208 1.25 -21.90 -2.74
N PHE C 209 2.44 -21.37 -2.99
CA PHE C 209 2.50 -20.05 -3.63
C PHE C 209 1.94 -20.08 -5.05
N ALA C 210 2.32 -21.08 -5.85
CA ALA C 210 1.73 -21.21 -7.23
C ALA C 210 0.21 -21.25 -7.23
N ALA C 211 -0.40 -22.01 -6.31
CA ALA C 211 -1.84 -22.02 -6.24
C ALA C 211 -2.51 -20.67 -5.82
N ALA C 212 -1.79 -19.84 -5.04
CA ALA C 212 -2.27 -18.55 -4.65
C ALA C 212 -1.92 -17.44 -5.66
N THR C 213 -1.14 -17.80 -6.66
CA THR C 213 -0.68 -16.82 -7.64
C THR C 213 -1.63 -16.87 -8.85
N PRO C 214 -2.18 -15.74 -9.25
CA PRO C 214 -3.02 -15.70 -10.46
C PRO C 214 -2.43 -16.40 -11.66
N LEU C 215 -1.15 -16.16 -11.95
CA LEU C 215 -0.58 -16.76 -13.15
C LEU C 215 -0.41 -18.24 -12.93
N GLY C 216 -0.56 -18.74 -11.73
CA GLY C 216 -0.68 -20.20 -11.49
C GLY C 216 0.59 -20.97 -11.59
N ARG C 217 1.73 -20.29 -11.47
CA ARG C 217 3.04 -20.91 -11.55
C ARG C 217 4.06 -20.06 -10.77
N VAL C 218 5.20 -20.64 -10.46
CA VAL C 218 6.40 -19.91 -10.02
C VAL C 218 6.98 -19.20 -11.18
N GLY C 219 7.67 -18.12 -10.84
CA GLY C 219 8.40 -17.38 -11.89
C GLY C 219 9.77 -17.98 -12.23
N ARG C 220 10.20 -17.74 -13.44
CA ARG C 220 11.51 -18.15 -13.91
C ARG C 220 12.51 -17.10 -13.49
N PRO C 221 13.76 -17.50 -13.17
CA PRO C 221 14.75 -16.45 -12.86
C PRO C 221 14.91 -15.43 -13.99
N GLU C 222 14.85 -15.85 -15.24
CA GLU C 222 14.95 -14.90 -16.36
C GLU C 222 13.83 -13.82 -16.40
N GLU C 223 12.66 -14.15 -15.84
CA GLU C 223 11.57 -13.17 -15.78
C GLU C 223 11.85 -12.14 -14.72
N LEU C 224 12.52 -12.54 -13.64
N LEU C 224 12.52 -12.53 -13.65
CA LEU C 224 12.96 -11.55 -12.65
CA LEU C 224 12.94 -11.55 -12.64
C LEU C 224 14.06 -10.71 -13.24
C LEU C 224 14.06 -10.71 -13.23
N ALA C 225 14.99 -11.33 -13.96
CA ALA C 225 16.06 -10.60 -14.63
C ALA C 225 15.55 -9.53 -15.56
N ALA C 226 14.50 -9.87 -16.32
CA ALA C 226 13.90 -8.92 -17.27
C ALA C 226 13.26 -7.72 -16.63
N ALA C 227 12.67 -7.94 -15.42
CA ALA C 227 12.13 -6.85 -14.62
C ALA C 227 13.25 -5.98 -14.03
N VAL C 228 14.32 -6.59 -13.57
CA VAL C 228 15.48 -5.81 -13.14
C VAL C 228 16.04 -5.02 -14.30
N LEU C 229 16.08 -5.62 -15.52
CA LEU C 229 16.52 -4.88 -16.66
C LEU C 229 15.68 -3.68 -16.92
N PHE C 230 14.36 -3.72 -16.77
CA PHE C 230 13.52 -2.55 -16.89
C PHE C 230 14.04 -1.44 -16.00
N LEU C 231 14.25 -1.75 -14.73
CA LEU C 231 14.74 -0.76 -13.75
C LEU C 231 16.15 -0.28 -14.01
N ALA C 232 16.99 -1.07 -14.62
CA ALA C 232 18.38 -0.71 -14.95
C ALA C 232 18.46 0.14 -16.18
N SER C 233 17.53 -0.11 -17.07
CA SER C 233 17.49 0.52 -18.40
C SER C 233 16.89 1.91 -18.42
N ASP C 234 17.03 2.59 -19.59
CA ASP C 234 16.43 3.92 -19.71
C ASP C 234 14.94 3.88 -19.81
N ASP C 235 14.33 2.68 -20.01
CA ASP C 235 12.86 2.61 -20.08
C ASP C 235 12.24 3.06 -18.76
N SER C 236 12.99 2.96 -17.66
CA SER C 236 12.50 3.35 -16.35
C SER C 236 13.01 4.67 -15.90
N SER C 237 13.36 5.55 -16.84
CA SER C 237 13.94 6.81 -16.45
C SER C 237 13.12 7.77 -15.63
N TYR C 238 11.81 7.57 -15.58
CA TYR C 238 10.93 8.37 -14.75
C TYR C 238 10.30 7.54 -13.60
N VAL C 239 10.98 6.44 -13.23
CA VAL C 239 10.55 5.54 -12.16
C VAL C 239 11.55 5.62 -11.03
N ALA C 240 11.11 6.00 -9.85
CA ALA C 240 11.94 6.15 -8.71
C ALA C 240 11.23 5.85 -7.39
N GLY C 241 11.91 5.09 -6.54
CA GLY C 241 11.43 4.77 -5.18
C GLY C 241 10.43 3.68 -5.08
N ILE C 242 10.17 3.00 -6.24
CA ILE C 242 9.07 2.07 -6.27
C ILE C 242 9.43 0.71 -5.69
N GLU C 243 8.36 -0.02 -5.49
CA GLU C 243 8.36 -1.45 -5.23
C GLU C 243 7.64 -2.16 -6.39
N LEU C 244 8.46 -2.79 -7.21
CA LEU C 244 7.97 -3.52 -8.41
C LEU C 244 7.78 -4.98 -8.08
N PHE C 245 6.50 -5.35 -7.89
CA PHE C 245 6.17 -6.72 -7.61
C PHE C 245 6.28 -7.61 -8.86
N VAL C 246 7.04 -8.67 -8.79
CA VAL C 246 7.26 -9.57 -9.90
C VAL C 246 6.89 -10.96 -9.33
N ASP C 247 5.54 -11.16 -9.27
CA ASP C 247 4.95 -12.25 -8.49
C ASP C 247 3.75 -12.90 -9.02
N GLY C 248 3.59 -12.72 -10.33
CA GLY C 248 2.39 -13.30 -11.00
C GLY C 248 1.08 -12.90 -10.45
N GLY C 249 1.03 -11.80 -9.68
CA GLY C 249 -0.15 -11.24 -9.14
C GLY C 249 -0.44 -11.60 -7.69
N LEU C 250 0.42 -12.44 -7.08
CA LEU C 250 0.21 -13.00 -5.72
C LEU C 250 -0.27 -11.97 -4.68
N THR C 251 0.46 -10.86 -4.61
CA THR C 251 0.19 -9.84 -3.63
C THR C 251 -0.84 -8.78 -4.07
N GLN C 252 -1.34 -8.87 -5.34
CA GLN C 252 -2.12 -7.83 -5.96
C GLN C 252 -3.60 -8.06 -6.02
N VAL C 253 -3.99 -9.29 -5.63
CA VAL C 253 -5.42 -9.70 -5.67
C VAL C 253 -5.92 -10.11 -4.34
N MET D 5 -17.79 6.92 30.84
CA MET D 5 -17.92 8.15 30.04
C MET D 5 -18.62 7.71 28.73
N TYR D 6 -19.62 8.49 28.45
CA TYR D 6 -20.39 8.44 27.21
C TYR D 6 -19.59 9.18 26.13
N ARG D 7 -19.07 8.41 25.15
CA ARG D 7 -18.05 8.98 24.29
C ARG D 7 -18.56 9.87 23.18
N LEU D 8 -19.87 9.87 22.98
CA LEU D 8 -20.54 10.79 22.03
C LEU D 8 -21.65 11.57 22.70
N LEU D 9 -21.42 11.92 23.97
CA LEU D 9 -22.53 12.57 24.77
C LEU D 9 -23.03 13.83 24.10
N ASN D 10 -24.34 13.80 23.78
CA ASN D 10 -25.02 14.95 23.18
C ASN D 10 -24.56 15.33 21.77
N LYS D 11 -23.80 14.44 21.13
CA LYS D 11 -23.43 14.67 19.74
C LYS D 11 -24.56 14.27 18.85
N THR D 12 -24.67 14.89 17.70
CA THR D 12 -25.66 14.52 16.67
C THR D 12 -24.99 13.73 15.57
N ALA D 13 -25.49 12.56 15.27
CA ALA D 13 -24.99 11.69 14.22
C ALA D 13 -26.07 11.42 13.15
N VAL D 14 -25.65 11.37 11.90
CA VAL D 14 -26.49 10.93 10.80
C VAL D 14 -25.85 9.71 10.23
N ILE D 15 -26.65 8.63 10.11
CA ILE D 15 -26.19 7.34 9.61
C ILE D 15 -27.04 6.98 8.44
N THR D 16 -26.46 6.91 7.27
CA THR D 16 -27.17 6.37 6.08
C THR D 16 -26.98 4.88 6.05
N GLY D 17 -27.86 4.19 5.35
CA GLY D 17 -27.89 2.72 5.48
C GLY D 17 -28.28 2.23 6.86
N GLY D 18 -29.16 2.94 7.57
CA GLY D 18 -29.79 2.38 8.76
C GLY D 18 -30.62 1.10 8.52
N ASN D 19 -30.67 0.59 7.25
CA ASN D 19 -31.22 -0.79 6.92
C ASN D 19 -30.14 -1.94 6.88
N SER D 20 -28.89 -1.54 6.72
CA SER D 20 -27.79 -2.52 6.79
C SER D 20 -27.53 -2.93 8.24
N GLY D 21 -26.93 -4.12 8.36
CA GLY D 21 -26.45 -4.69 9.58
C GLY D 21 -25.56 -3.64 10.27
N ILE D 22 -24.59 -3.11 9.53
CA ILE D 22 -23.62 -2.23 10.16
C ILE D 22 -24.20 -0.87 10.56
N GLY D 23 -25.08 -0.30 9.74
CA GLY D 23 -25.69 0.99 10.05
C GLY D 23 -26.57 0.89 11.33
N LEU D 24 -27.33 -0.21 11.49
CA LEU D 24 -28.17 -0.36 12.68
C LEU D 24 -27.26 -0.58 13.93
N ALA D 25 -26.25 -1.47 13.80
CA ALA D 25 -25.38 -1.74 14.94
C ALA D 25 -24.68 -0.46 15.36
N THR D 26 -24.30 0.37 14.39
CA THR D 26 -23.68 1.63 14.68
C THR D 26 -24.63 2.61 15.39
N ALA D 27 -25.86 2.71 14.91
CA ALA D 27 -26.85 3.52 15.59
C ALA D 27 -27.07 3.13 17.06
N LYS D 28 -27.16 1.82 17.30
CA LYS D 28 -27.31 1.33 18.68
C LYS D 28 -26.11 1.71 19.54
N ARG D 29 -24.89 1.47 19.04
CA ARG D 29 -23.75 1.84 19.81
C ARG D 29 -23.69 3.31 20.05
N PHE D 30 -23.97 4.12 19.04
CA PHE D 30 -23.93 5.54 19.18
C PHE D 30 -24.95 6.10 20.23
N VAL D 31 -26.15 5.56 20.21
CA VAL D 31 -27.14 5.91 21.25
C VAL D 31 -26.65 5.48 22.64
N ALA D 32 -26.03 4.31 22.74
CA ALA D 32 -25.44 3.86 24.03
C ALA D 32 -24.31 4.76 24.53
N GLU D 33 -23.60 5.40 23.56
CA GLU D 33 -22.58 6.38 23.82
C GLU D 33 -23.03 7.83 23.94
N GLY D 34 -24.35 8.03 23.99
CA GLY D 34 -24.95 9.27 24.36
C GLY D 34 -25.39 10.15 23.22
N ALA D 35 -25.22 9.67 21.97
CA ALA D 35 -25.54 10.50 20.80
C ALA D 35 -27.03 10.53 20.49
N TYR D 36 -27.43 11.55 19.74
CA TYR D 36 -28.71 11.56 19.06
C TYR D 36 -28.50 11.13 17.64
N VAL D 37 -29.22 10.16 17.14
CA VAL D 37 -28.99 9.58 15.82
C VAL D 37 -30.17 9.76 14.87
N PHE D 38 -29.88 10.17 13.64
CA PHE D 38 -30.81 10.04 12.55
C PHE D 38 -30.41 8.81 11.75
N ILE D 39 -31.30 7.82 11.60
CA ILE D 39 -31.08 6.66 10.77
C ILE D 39 -31.84 6.86 9.48
N VAL D 40 -31.16 6.68 8.37
CA VAL D 40 -31.68 7.02 7.04
C VAL D 40 -31.66 5.77 6.23
N GLY D 41 -32.73 5.58 5.45
CA GLY D 41 -32.85 4.36 4.65
C GLY D 41 -33.99 4.51 3.64
N ARG D 42 -34.00 3.62 2.65
CA ARG D 42 -35.07 3.64 1.65
C ARG D 42 -36.33 2.98 2.14
N ARG D 43 -36.23 1.94 2.96
CA ARG D 43 -37.41 1.16 3.36
C ARG D 43 -37.93 1.58 4.73
N ARG D 44 -39.07 2.25 4.69
CA ARG D 44 -39.71 2.83 5.88
C ARG D 44 -39.94 1.83 7.01
N LYS D 45 -40.48 0.66 6.68
CA LYS D 45 -40.90 -0.29 7.72
C LYS D 45 -39.72 -0.75 8.55
N GLU D 46 -38.64 -1.17 7.90
CA GLU D 46 -37.46 -1.59 8.62
C GLU D 46 -36.89 -0.41 9.40
N LEU D 47 -36.87 0.79 8.83
CA LEU D 47 -36.44 1.96 9.55
C LEU D 47 -37.19 2.21 10.84
N GLU D 48 -38.49 2.08 10.80
CA GLU D 48 -39.31 2.36 11.96
C GLU D 48 -39.12 1.29 13.03
N GLN D 49 -38.99 0.05 12.58
CA GLN D 49 -38.69 -1.07 13.49
C GLN D 49 -37.32 -0.88 14.17
N ALA D 50 -36.34 -0.46 13.36
CA ALA D 50 -34.99 -0.20 13.87
C ALA D 50 -35.09 0.88 14.91
N ALA D 51 -35.83 1.96 14.64
CA ALA D 51 -35.92 3.06 15.59
C ALA D 51 -36.62 2.62 16.87
N ALA D 52 -37.60 1.75 16.74
CA ALA D 52 -38.28 1.19 17.91
C ALA D 52 -37.34 0.30 18.73
N GLU D 53 -36.54 -0.52 18.09
CA GLU D 53 -35.51 -1.31 18.77
C GLU D 53 -34.56 -0.38 19.55
N ILE D 54 -34.03 0.66 18.86
CA ILE D 54 -33.03 1.57 19.44
C ILE D 54 -33.80 2.21 20.65
N GLY D 55 -35.05 2.67 20.45
CA GLY D 55 -35.93 3.10 21.51
C GLY D 55 -35.92 4.54 21.96
N ARG D 56 -34.77 5.22 21.84
CA ARG D 56 -34.63 6.55 22.33
C ARG D 56 -33.57 7.28 21.48
N ASN D 57 -33.63 8.64 21.51
CA ASN D 57 -32.64 9.50 20.94
C ASN D 57 -32.40 9.16 19.48
N VAL D 58 -33.44 8.82 18.77
CA VAL D 58 -33.35 8.43 17.38
C VAL D 58 -34.53 8.98 16.57
N THR D 59 -34.24 9.49 15.39
CA THR D 59 -35.25 9.78 14.35
C THR D 59 -34.98 9.00 13.09
N ALA D 60 -35.97 8.26 12.59
CA ALA D 60 -35.93 7.59 11.29
C ALA D 60 -36.35 8.47 10.14
N VAL D 61 -35.53 8.52 9.09
CA VAL D 61 -35.82 9.38 7.93
C VAL D 61 -35.79 8.49 6.71
N LYS D 62 -36.88 8.44 5.96
CA LYS D 62 -36.91 7.70 4.71
C LYS D 62 -36.33 8.59 3.61
N ALA D 63 -35.36 8.07 2.89
CA ALA D 63 -34.72 8.86 1.85
C ALA D 63 -33.96 7.90 1.01
N ASP D 64 -33.98 8.17 -0.30
CA ASP D 64 -33.12 7.53 -1.25
C ASP D 64 -31.96 8.50 -1.47
N VAL D 65 -30.79 8.12 -0.96
CA VAL D 65 -29.66 9.00 -1.02
C VAL D 65 -29.11 9.25 -2.41
N THR D 66 -29.53 8.46 -3.41
CA THR D 66 -29.20 8.76 -4.80
C THR D 66 -30.04 9.92 -5.36
N LYS D 67 -31.04 10.39 -4.62
CA LYS D 67 -31.97 11.44 -5.10
C LYS D 67 -31.70 12.68 -4.37
N LEU D 68 -31.25 13.69 -5.09
CA LEU D 68 -30.87 14.96 -4.46
C LEU D 68 -31.96 15.63 -3.64
N GLU D 69 -33.19 15.56 -4.13
CA GLU D 69 -34.31 16.10 -3.37
C GLU D 69 -34.56 15.36 -2.03
N ASP D 70 -34.33 14.04 -2.00
CA ASP D 70 -34.46 13.27 -0.74
C ASP D 70 -33.41 13.73 0.29
N LEU D 71 -32.20 14.00 -0.18
CA LEU D 71 -31.14 14.53 0.66
C LEU D 71 -31.47 15.89 1.20
N ASP D 72 -32.06 16.75 0.37
CA ASP D 72 -32.42 18.07 0.87
C ASP D 72 -33.49 17.95 2.00
N ARG D 73 -34.41 17.02 1.81
CA ARG D 73 -35.47 16.79 2.80
C ARG D 73 -34.87 16.27 4.11
N LEU D 74 -33.95 15.29 4.00
CA LEU D 74 -33.22 14.81 5.17
C LEU D 74 -32.60 15.93 5.96
N TYR D 75 -31.80 16.76 5.30
CA TYR D 75 -31.07 17.79 5.99
C TYR D 75 -31.92 18.90 6.59
N ALA D 76 -33.05 19.19 5.95
CA ALA D 76 -34.02 20.10 6.54
C ALA D 76 -34.55 19.55 7.87
N ILE D 77 -34.82 18.25 7.88
CA ILE D 77 -35.24 17.61 9.15
C ILE D 77 -34.17 17.68 10.21
N VAL D 78 -32.91 17.36 9.82
CA VAL D 78 -31.85 17.40 10.80
C VAL D 78 -31.68 18.82 11.34
N ARG D 79 -31.73 19.81 10.43
CA ARG D 79 -31.55 21.17 10.84
C ARG D 79 -32.65 21.58 11.87
N GLU D 80 -33.88 21.23 11.55
CA GLU D 80 -34.99 21.64 12.41
C GLU D 80 -34.91 20.96 13.77
N GLN D 81 -34.62 19.66 13.77
CA GLN D 81 -34.64 18.89 15.03
C GLN D 81 -33.42 19.04 15.89
N ARG D 82 -32.23 19.13 15.28
CA ARG D 82 -31.00 19.19 16.04
C ARG D 82 -30.05 20.30 15.73
N GLY D 83 -30.16 20.88 14.54
CA GLY D 83 -29.47 22.08 14.21
C GLY D 83 -28.10 21.97 13.62
N SER D 84 -27.47 20.83 13.74
CA SER D 84 -26.05 20.66 13.32
C SER D 84 -25.72 19.18 13.39
N ILE D 85 -24.66 18.83 12.67
CA ILE D 85 -24.21 17.41 12.62
C ILE D 85 -22.79 17.36 13.18
N ASP D 86 -22.52 16.47 14.15
CA ASP D 86 -21.18 16.21 14.66
C ASP D 86 -20.47 15.03 13.95
N VAL D 87 -21.26 14.04 13.61
CA VAL D 87 -20.73 12.78 13.04
C VAL D 87 -21.62 12.37 11.87
N LEU D 88 -21.04 12.15 10.71
CA LEU D 88 -21.74 11.64 9.53
C LEU D 88 -21.12 10.33 9.15
N PHE D 89 -21.90 9.27 9.24
CA PHE D 89 -21.49 7.93 8.76
C PHE D 89 -22.24 7.65 7.46
N ALA D 90 -21.51 7.87 6.37
CA ALA D 90 -22.00 7.72 4.99
C ALA D 90 -21.78 6.30 4.56
N ASN D 91 -22.77 5.51 4.92
CA ASN D 91 -22.77 4.12 4.87
C ASN D 91 -23.59 3.33 3.81
N SER D 92 -23.60 3.88 2.67
CA SER D 92 -24.34 3.32 1.51
C SER D 92 -23.62 2.16 0.95
N GLY D 93 -24.38 1.29 0.31
CA GLY D 93 -23.71 0.29 -0.40
C GLY D 93 -24.51 -0.92 -0.77
N ALA D 94 -24.19 -1.42 -1.95
CA ALA D 94 -24.86 -2.64 -2.42
C ALA D 94 -23.97 -3.30 -3.44
N ILE D 95 -23.98 -4.61 -3.40
CA ILE D 95 -23.23 -5.45 -4.30
C ILE D 95 -24.11 -6.33 -5.15
N GLU D 96 -23.80 -6.42 -6.42
CA GLU D 96 -24.34 -7.40 -7.32
C GLU D 96 -23.14 -8.02 -8.02
N GLN D 97 -23.02 -9.34 -8.00
CA GLN D 97 -21.90 -9.99 -8.63
C GLN D 97 -22.16 -10.09 -10.14
N LYS D 98 -21.22 -9.58 -10.94
CA LYS D 98 -21.20 -9.77 -12.39
C LYS D 98 -19.75 -9.77 -12.84
N THR D 99 -19.37 -10.75 -13.64
CA THR D 99 -18.07 -10.73 -14.29
C THR D 99 -17.99 -9.66 -15.37
N LEU D 100 -16.80 -9.34 -15.86
CA LEU D 100 -16.62 -8.39 -16.86
C LEU D 100 -17.51 -8.70 -18.12
N GLU D 101 -17.53 -9.97 -18.49
CA GLU D 101 -18.31 -10.35 -19.69
C GLU D 101 -19.79 -10.06 -19.52
N GLU D 102 -20.26 -10.12 -18.28
CA GLU D 102 -21.67 -10.04 -17.92
C GLU D 102 -22.10 -8.59 -17.63
N ILE D 103 -21.18 -7.63 -17.48
CA ILE D 103 -21.56 -6.32 -17.09
C ILE D 103 -22.47 -5.67 -18.16
N THR D 104 -23.59 -5.10 -17.72
CA THR D 104 -24.39 -4.18 -18.52
C THR D 104 -24.34 -2.77 -18.10
N PRO D 105 -24.74 -1.79 -18.92
CA PRO D 105 -24.79 -0.44 -18.54
C PRO D 105 -25.63 -0.23 -17.23
N GLU D 106 -26.78 -0.90 -17.15
CA GLU D 106 -27.66 -0.82 -16.01
C GLU D 106 -26.96 -1.26 -14.70
N HIS D 107 -26.26 -2.36 -14.78
CA HIS D 107 -25.53 -2.93 -13.61
C HIS D 107 -24.45 -1.95 -13.19
N TYR D 108 -23.73 -1.39 -14.14
CA TYR D 108 -22.71 -0.34 -13.84
C TYR D 108 -23.33 0.85 -13.16
N ASP D 109 -24.44 1.35 -13.72
CA ASP D 109 -25.05 2.55 -13.17
C ASP D 109 -25.66 2.28 -11.79
N ARG D 110 -26.29 1.15 -11.57
CA ARG D 110 -26.87 0.84 -10.26
C ARG D 110 -25.69 0.86 -9.25
N THR D 111 -24.59 0.19 -9.60
CA THR D 111 -23.50 0.01 -8.63
C THR D 111 -22.85 1.32 -8.27
N PHE D 112 -22.51 2.15 -9.27
CA PHE D 112 -21.92 3.42 -9.04
C PHE D 112 -22.86 4.46 -8.44
N ASP D 113 -24.15 4.43 -8.81
CA ASP D 113 -25.10 5.35 -8.21
C ASP D 113 -25.23 5.14 -6.71
N VAL D 114 -25.35 3.92 -6.26
N VAL D 114 -25.38 3.86 -6.31
CA VAL D 114 -25.56 3.72 -4.82
CA VAL D 114 -25.60 3.45 -4.88
C VAL D 114 -24.23 3.92 -4.11
C VAL D 114 -24.33 3.55 -4.04
N ASN D 115 -23.17 3.31 -4.64
CA ASN D 115 -21.90 3.34 -3.85
C ASN D 115 -21.10 4.61 -3.93
N VAL D 116 -21.22 5.37 -5.03
CA VAL D 116 -20.39 6.51 -5.21
C VAL D 116 -21.22 7.77 -5.31
N ARG D 117 -22.10 7.86 -6.32
CA ARG D 117 -22.88 9.10 -6.49
C ARG D 117 -23.67 9.48 -5.23
N GLY D 118 -24.36 8.50 -4.67
CA GLY D 118 -25.11 8.70 -3.43
C GLY D 118 -24.23 9.20 -2.28
N LEU D 119 -23.02 8.67 -2.21
CA LEU D 119 -22.09 9.10 -1.18
C LEU D 119 -21.65 10.52 -1.38
N ILE D 120 -21.23 10.85 -2.58
CA ILE D 120 -20.79 12.21 -2.83
C ILE D 120 -21.84 13.23 -2.44
N PHE D 121 -23.09 13.00 -2.85
CA PHE D 121 -24.12 13.98 -2.60
C PHE D 121 -24.62 14.00 -1.15
N THR D 122 -24.50 12.85 -0.48
CA THR D 122 -24.75 12.76 0.98
C THR D 122 -23.82 13.69 1.70
N VAL D 123 -22.53 13.61 1.40
CA VAL D 123 -21.55 14.46 2.11
C VAL D 123 -21.63 15.94 1.66
N GLN D 124 -21.72 16.20 0.35
CA GLN D 124 -21.88 17.58 -0.14
C GLN D 124 -23.02 18.28 0.64
N LYS D 125 -24.17 17.62 0.69
CA LYS D 125 -25.37 18.28 1.27
C LYS D 125 -25.34 18.36 2.76
N ALA D 126 -24.47 17.58 3.40
CA ALA D 126 -24.27 17.73 4.82
C ALA D 126 -23.39 18.87 5.19
N LEU D 127 -22.59 19.39 4.26
CA LEU D 127 -21.55 20.37 4.66
C LEU D 127 -22.04 21.62 5.45
N PRO D 128 -23.19 22.19 5.06
CA PRO D 128 -23.62 23.36 5.86
C PRO D 128 -23.93 23.07 7.30
N LEU D 129 -24.38 21.82 7.57
CA LEU D 129 -24.72 21.46 8.96
C LEU D 129 -23.55 20.91 9.78
N LEU D 130 -22.51 20.41 9.09
CA LEU D 130 -21.41 19.79 9.79
C LEU D 130 -20.66 20.76 10.63
N ARG D 131 -20.49 20.46 11.89
CA ARG D 131 -19.72 21.34 12.78
C ARG D 131 -18.25 21.28 12.46
N ASP D 132 -17.57 22.42 12.56
CA ASP D 132 -16.14 22.39 12.57
C ASP D 132 -15.65 21.43 13.65
N GLY D 133 -14.64 20.64 13.35
CA GLY D 133 -14.13 19.63 14.28
C GLY D 133 -14.89 18.30 14.25
N GLY D 134 -15.89 18.22 13.39
CA GLY D 134 -16.70 17.02 13.21
C GLY D 134 -15.91 15.85 12.59
N SER D 135 -16.63 14.76 12.45
CA SER D 135 -16.03 13.50 11.91
C SER D 135 -16.94 12.86 10.90
N VAL D 136 -16.39 12.47 9.75
CA VAL D 136 -17.09 11.83 8.68
C VAL D 136 -16.42 10.48 8.44
N ILE D 137 -17.25 9.44 8.45
CA ILE D 137 -16.80 8.05 8.21
C ILE D 137 -17.46 7.52 6.92
N LEU D 138 -16.67 7.00 6.01
CA LEU D 138 -17.15 6.44 4.77
C LEU D 138 -17.00 4.96 4.83
N THR D 139 -17.94 4.20 4.32
CA THR D 139 -17.84 2.75 4.24
C THR D 139 -17.20 2.31 2.92
N SER D 140 -15.96 1.88 2.95
CA SER D 140 -15.32 1.23 1.80
C SER D 140 -15.54 -0.30 1.94
N SER D 141 -14.53 -1.11 1.62
CA SER D 141 -14.66 -2.55 1.76
C SER D 141 -13.26 -3.11 1.51
N VAL D 142 -12.93 -4.30 2.05
CA VAL D 142 -11.78 -5.01 1.63
C VAL D 142 -11.73 -5.25 0.11
N ALA D 143 -12.93 -5.26 -0.47
CA ALA D 143 -12.99 -5.45 -1.92
C ALA D 143 -12.24 -4.37 -2.66
N GLY D 144 -12.12 -3.17 -2.07
CA GLY D 144 -11.42 -2.08 -2.66
C GLY D 144 -9.95 -2.28 -2.89
N VAL D 145 -9.35 -3.32 -2.29
CA VAL D 145 -7.96 -3.64 -2.44
C VAL D 145 -7.66 -5.06 -2.90
N LEU D 146 -8.73 -5.75 -3.31
CA LEU D 146 -8.62 -7.17 -3.70
C LEU D 146 -9.03 -7.34 -5.17
N GLY D 147 -8.80 -8.53 -5.69
CA GLY D 147 -9.23 -8.91 -7.07
C GLY D 147 -10.13 -10.13 -6.99
N LEU D 148 -11.36 -9.85 -6.66
CA LEU D 148 -12.39 -10.88 -6.39
C LEU D 148 -13.23 -11.11 -7.66
N GLN D 149 -13.37 -12.42 -7.98
CA GLN D 149 -14.16 -12.82 -9.13
C GLN D 149 -15.53 -12.22 -9.06
N ALA D 150 -15.93 -11.58 -10.13
CA ALA D 150 -17.31 -11.04 -10.33
C ALA D 150 -17.69 -9.95 -9.41
N HIS D 151 -16.67 -9.28 -8.77
CA HIS D 151 -16.89 -8.07 -8.03
C HIS D 151 -16.41 -6.78 -8.68
N ASP D 152 -16.34 -6.78 -10.04
CA ASP D 152 -15.76 -5.75 -10.80
C ASP D 152 -16.19 -4.40 -10.40
N THR D 153 -17.48 -4.09 -10.53
CA THR D 153 -17.98 -2.74 -10.28
C THR D 153 -17.98 -2.43 -8.79
N TYR D 154 -18.35 -3.38 -8.00
CA TYR D 154 -18.44 -3.13 -6.51
C TYR D 154 -17.04 -2.75 -5.96
N SER D 155 -16.04 -3.53 -6.31
CA SER D 155 -14.68 -3.29 -5.78
C SER D 155 -14.20 -1.98 -6.27
N ALA D 156 -14.41 -1.67 -7.56
CA ALA D 156 -13.98 -0.41 -8.10
C ALA D 156 -14.64 0.82 -7.42
N ALA D 157 -15.95 0.70 -7.18
CA ALA D 157 -16.71 1.72 -6.50
C ALA D 157 -16.20 1.89 -5.06
N LYS D 158 -15.92 0.82 -4.39
CA LYS D 158 -15.39 0.94 -2.99
C LYS D 158 -13.97 1.49 -2.98
N ALA D 159 -13.17 1.30 -4.00
CA ALA D 159 -11.90 1.96 -4.14
C ALA D 159 -12.10 3.47 -4.29
N ALA D 160 -13.09 3.87 -5.14
CA ALA D 160 -13.48 5.26 -5.26
C ALA D 160 -13.84 5.90 -3.92
N VAL D 161 -14.59 5.19 -3.11
CA VAL D 161 -15.00 5.67 -1.79
C VAL D 161 -13.77 5.92 -0.93
N ARG D 162 -12.78 5.04 -0.96
CA ARG D 162 -11.58 5.25 -0.14
C ARG D 162 -10.80 6.44 -0.56
N SER D 163 -10.76 6.69 -1.87
CA SER D 163 -10.06 7.84 -2.43
C SER D 163 -10.73 9.12 -1.90
N LEU D 164 -12.04 9.18 -1.89
CA LEU D 164 -12.78 10.41 -1.45
C LEU D 164 -12.45 10.76 -0.03
N ALA D 165 -12.08 9.77 0.78
CA ALA D 165 -11.63 10.13 2.16
C ALA D 165 -10.34 10.95 2.12
N ARG D 166 -9.45 10.63 1.21
CA ARG D 166 -8.21 11.39 1.08
C ARG D 166 -8.51 12.78 0.61
N THR D 167 -9.26 12.90 -0.44
CA THR D 167 -9.57 14.22 -1.01
C THR D 167 -10.32 15.11 -0.06
N TRP D 168 -11.30 14.60 0.60
CA TRP D 168 -12.11 15.40 1.58
C TRP D 168 -11.28 15.75 2.78
N THR D 169 -10.32 14.93 3.19
CA THR D 169 -9.38 15.29 4.28
C THR D 169 -8.73 16.62 3.89
N THR D 170 -8.23 16.72 2.69
CA THR D 170 -7.59 17.92 2.20
C THR D 170 -8.58 19.06 2.14
N GLU D 171 -9.73 18.82 1.54
CA GLU D 171 -10.69 19.94 1.26
C GLU D 171 -11.27 20.50 2.53
N LEU D 172 -11.48 19.68 3.55
CA LEU D 172 -12.19 20.09 4.76
C LEU D 172 -11.27 20.40 5.91
N LYS D 173 -9.96 20.42 5.69
N LYS D 173 -9.97 20.46 5.69
CA LYS D 173 -9.01 20.60 6.79
CA LYS D 173 -9.09 20.58 6.84
C LYS D 173 -9.13 21.97 7.43
C LYS D 173 -9.15 21.96 7.45
N GLY D 174 -9.51 22.97 6.66
CA GLY D 174 -9.73 24.34 7.21
C GLY D 174 -10.79 24.44 8.23
N ARG D 175 -11.72 23.49 8.21
CA ARG D 175 -12.82 23.32 9.18
C ARG D 175 -12.54 22.27 10.22
N SER D 176 -11.35 21.69 10.21
CA SER D 176 -10.93 20.67 11.15
C SER D 176 -11.86 19.49 11.17
N ILE D 177 -12.47 19.19 10.02
CA ILE D 177 -13.33 17.99 9.84
C ILE D 177 -12.45 16.84 9.39
N ARG D 178 -12.47 15.74 10.12
CA ARG D 178 -11.72 14.53 9.76
C ARG D 178 -12.64 13.66 8.94
N VAL D 179 -12.03 13.09 7.93
CA VAL D 179 -12.70 12.12 7.08
C VAL D 179 -11.84 10.85 6.97
N ASN D 180 -12.43 9.69 7.28
CA ASN D 180 -11.75 8.40 7.34
C ASN D 180 -12.68 7.36 6.73
N ALA D 181 -12.07 6.34 6.13
CA ALA D 181 -12.78 5.24 5.61
C ALA D 181 -12.63 3.99 6.48
N VAL D 182 -13.71 3.27 6.66
CA VAL D 182 -13.70 1.92 7.24
C VAL D 182 -13.85 0.92 6.14
N SER D 183 -13.05 -0.09 6.18
CA SER D 183 -13.10 -1.20 5.18
C SER D 183 -13.39 -2.50 5.86
N PRO D 184 -14.67 -2.87 5.94
CA PRO D 184 -15.02 -4.15 6.53
C PRO D 184 -14.65 -5.32 5.66
N GLY D 185 -14.31 -6.43 6.31
CA GLY D 185 -14.20 -7.72 5.65
C GLY D 185 -15.56 -8.40 5.66
N ALA D 186 -15.54 -9.71 5.88
CA ALA D 186 -16.79 -10.47 6.02
C ALA D 186 -17.45 -10.19 7.40
N ILE D 187 -18.70 -9.72 7.34
CA ILE D 187 -19.52 -9.44 8.51
C ILE D 187 -20.80 -10.35 8.46
N ASP D 188 -21.15 -10.97 9.59
CA ASP D 188 -22.32 -11.86 9.75
C ASP D 188 -23.64 -11.16 9.38
N PHE D 209 -13.79 -16.84 2.95
CA PHE D 209 -13.48 -15.64 3.73
C PHE D 209 -13.02 -15.94 5.16
N ALA D 210 -13.91 -16.50 6.00
CA ALA D 210 -13.49 -16.97 7.36
C ALA D 210 -12.22 -17.85 7.34
N ALA D 211 -12.13 -18.75 6.36
CA ALA D 211 -10.96 -19.58 6.19
C ALA D 211 -9.69 -18.80 5.83
N ALA D 212 -9.79 -17.71 5.06
CA ALA D 212 -8.61 -16.88 4.68
C ALA D 212 -8.25 -15.82 5.75
N THR D 213 -9.06 -15.76 6.79
CA THR D 213 -8.99 -14.71 7.77
C THR D 213 -8.26 -15.25 8.99
N PRO D 214 -7.14 -14.64 9.43
CA PRO D 214 -6.46 -15.01 10.64
C PRO D 214 -7.35 -15.23 11.86
N LEU D 215 -8.30 -14.34 12.13
CA LEU D 215 -9.19 -14.55 13.25
C LEU D 215 -10.10 -15.73 13.12
N GLY D 216 -10.22 -16.28 11.92
CA GLY D 216 -10.90 -17.61 11.72
C GLY D 216 -12.40 -17.55 11.82
N ARG D 217 -13.00 -16.38 11.68
CA ARG D 217 -14.45 -16.18 11.78
C ARG D 217 -14.84 -14.93 11.08
N VAL D 218 -16.13 -14.80 10.76
CA VAL D 218 -16.68 -13.55 10.27
C VAL D 218 -16.80 -12.59 11.48
N GLY D 219 -16.84 -11.31 11.16
CA GLY D 219 -17.01 -10.26 12.15
C GLY D 219 -18.48 -10.07 12.50
N ARG D 220 -18.71 -9.64 13.71
CA ARG D 220 -20.06 -9.26 14.14
C ARG D 220 -20.32 -7.82 13.79
N PRO D 221 -21.57 -7.44 13.46
CA PRO D 221 -21.83 -6.06 13.23
C PRO D 221 -21.40 -5.11 14.38
N GLU D 222 -21.53 -5.51 15.61
CA GLU D 222 -21.18 -4.67 16.72
C GLU D 222 -19.67 -4.39 16.73
N GLU D 223 -18.86 -5.29 16.15
CA GLU D 223 -17.40 -5.06 16.03
C GLU D 223 -17.10 -4.03 15.00
N LEU D 224 -17.82 -4.01 13.87
CA LEU D 224 -17.72 -2.91 12.92
C LEU D 224 -18.20 -1.63 13.52
N ALA D 225 -19.34 -1.62 14.20
CA ALA D 225 -19.77 -0.42 14.91
C ALA D 225 -18.76 0.22 15.91
N ALA D 226 -18.06 -0.66 16.59
CA ALA D 226 -17.07 -0.24 17.57
C ALA D 226 -15.91 0.48 16.85
N ALA D 227 -15.53 0.00 15.69
CA ALA D 227 -14.49 0.65 14.87
C ALA D 227 -14.93 1.97 14.35
N VAL D 228 -16.21 2.06 13.89
CA VAL D 228 -16.79 3.31 13.46
C VAL D 228 -16.83 4.30 14.62
N LEU D 229 -17.18 3.81 15.83
CA LEU D 229 -17.13 4.62 17.03
C LEU D 229 -15.77 5.19 17.25
N PHE D 230 -14.71 4.41 17.10
CA PHE D 230 -13.39 4.94 17.24
C PHE D 230 -13.21 6.17 16.40
N LEU D 231 -13.52 6.05 15.11
CA LEU D 231 -13.38 7.13 14.17
C LEU D 231 -14.29 8.32 14.47
N ALA D 232 -15.48 8.07 14.97
CA ALA D 232 -16.40 9.16 15.33
C ALA D 232 -16.00 9.92 16.59
N SER D 233 -15.33 9.22 17.45
CA SER D 233 -14.99 9.67 18.82
C SER D 233 -13.73 10.49 18.88
N ASP D 234 -13.54 11.19 20.00
CA ASP D 234 -12.30 11.94 20.15
C ASP D 234 -11.05 11.08 20.28
N ASP D 235 -11.15 9.76 20.53
CA ASP D 235 -9.97 8.88 20.61
C ASP D 235 -9.21 8.85 19.26
N SER D 236 -9.92 9.16 18.17
CA SER D 236 -9.27 9.29 16.86
C SER D 236 -8.99 10.73 16.39
N SER D 237 -8.80 11.64 17.35
CA SER D 237 -8.63 13.02 16.98
C SER D 237 -7.40 13.38 16.15
N TYR D 238 -6.40 12.49 16.11
CA TYR D 238 -5.23 12.77 15.24
C TYR D 238 -5.17 11.77 14.11
N VAL D 239 -6.29 11.16 13.80
CA VAL D 239 -6.45 10.21 12.68
C VAL D 239 -7.26 10.81 11.53
N ALA D 240 -6.67 10.91 10.36
CA ALA D 240 -7.31 11.55 9.21
C ALA D 240 -6.88 10.90 7.91
N GLY D 241 -7.84 10.70 7.06
CA GLY D 241 -7.65 10.21 5.70
C GLY D 241 -7.40 8.72 5.59
N ILE D 242 -7.51 7.96 6.69
CA ILE D 242 -7.09 6.56 6.70
C ILE D 242 -8.09 5.62 6.11
N GLU D 243 -7.64 4.39 5.90
CA GLU D 243 -8.41 3.24 5.60
C GLU D 243 -8.20 2.25 6.77
N LEU D 244 -9.24 2.15 7.57
CA LEU D 244 -9.23 1.25 8.76
C LEU D 244 -9.82 -0.11 8.34
N PHE D 245 -8.95 -1.10 8.16
CA PHE D 245 -9.43 -2.44 7.87
C PHE D 245 -9.96 -3.14 9.08
N VAL D 246 -11.18 -3.62 8.99
CA VAL D 246 -11.87 -4.34 10.08
C VAL D 246 -12.28 -5.68 9.48
N ASP D 247 -11.30 -6.57 9.38
CA ASP D 247 -11.38 -7.75 8.57
C ASP D 247 -10.77 -9.01 9.15
N GLY D 248 -10.47 -8.97 10.44
CA GLY D 248 -9.86 -10.13 11.08
C GLY D 248 -8.50 -10.47 10.57
N GLY D 249 -7.85 -9.56 9.83
CA GLY D 249 -6.52 -9.73 9.26
C GLY D 249 -6.44 -10.11 7.77
N LEU D 250 -7.63 -10.31 7.17
CA LEU D 250 -7.73 -10.84 5.80
C LEU D 250 -6.80 -10.23 4.80
N THR D 251 -6.82 -8.88 4.77
CA THR D 251 -6.04 -8.16 3.80
C THR D 251 -4.59 -7.83 4.24
N GLN D 252 -4.27 -8.18 5.50
CA GLN D 252 -3.02 -7.75 6.12
C GLN D 252 -1.91 -8.79 6.15
N VAL D 253 -2.24 -10.03 5.80
CA VAL D 253 -1.26 -11.14 5.80
C VAL D 253 -1.07 -11.83 4.46
C1 EDO E . 0.05 -20.61 10.09
O1 EDO E . -1.20 -20.69 9.35
C2 EDO E . -0.15 -20.94 11.58
O2 EDO E . -0.23 -19.82 12.47
C1 EDO F . 15.03 -4.93 -27.27
O1 EDO F . 15.55 -6.20 -27.28
C2 EDO F . 15.47 -3.67 -27.99
O2 EDO F . 14.29 -2.86 -28.25
C1 EDO G . -10.13 8.31 -26.41
O1 EDO G . -10.33 7.16 -27.19
C2 EDO G . -9.68 9.43 -27.31
O2 EDO G . -9.54 10.67 -26.61
C TAM H . 11.97 -13.62 -21.63
C1 TAM H . 11.04 -12.50 -22.03
C2 TAM H . 11.27 -14.62 -22.53
C3 TAM H . 11.98 -13.96 -20.05
C4 TAM H . 11.16 -11.27 -21.27
C5 TAM H . 11.70 -16.07 -22.43
C6 TAM H . 10.79 -13.47 -19.20
N TAM H . 13.28 -13.30 -22.32
O4 TAM H . 12.42 -10.93 -21.39
O5 TAM H . 10.58 -16.89 -22.86
O6 TAM H . 10.31 -12.10 -18.69
C1 EDO I . 27.30 -16.24 -1.72
O1 EDO I . 28.20 -16.87 -2.64
C2 EDO I . 27.14 -14.74 -1.85
O2 EDO I . 26.45 -14.37 -3.06
C1 EDO J . 6.24 -22.59 6.14
O1 EDO J . 7.27 -22.72 5.17
C2 EDO J . 6.11 -21.10 6.40
O2 EDO J . 5.53 -20.25 5.40
C1 EDO K . -28.62 13.61 23.93
O1 EDO K . -29.66 12.76 23.48
C2 EDO K . -28.79 14.79 23.01
O2 EDO K . -27.84 15.87 23.13
C1 EDO L . -11.02 24.21 4.17
O1 EDO L . -12.14 23.52 4.70
C2 EDO L . -9.90 23.34 3.67
O2 EDO L . -8.63 23.92 3.90
C1 EDO M . -18.03 -5.40 20.29
O1 EDO M . -18.03 -6.80 20.00
C2 EDO M . -16.61 -4.77 20.20
O2 EDO M . -15.86 -4.87 18.96
#